data_9DBI
#
_entry.id   9DBI
#
_cell.length_a   71.807
_cell.length_b   122.287
_cell.length_c   141.010
_cell.angle_alpha   90.000
_cell.angle_beta   90.000
_cell.angle_gamma   90.000
#
_symmetry.space_group_name_H-M   'P 21 21 21'
#
loop_
_entity.id
_entity.type
_entity.pdbx_description
1 polymer HalB
2 non-polymer 'PHOSPHATE ION'
3 water water
#
_entity_poly.entity_id   1
_entity_poly.type   'polypeptide(L)'
_entity_poly.pdbx_seq_one_letter_code
;SGSIEALMLFGSAARGESDKNSAVALLAVTSGVRPFSKKTEQTELQFLNPEELLRSASDGDLFAIHLAFEGKIIFDTTGV
FTRFKERLVIRKDYGREIKWGNDLAWYLLDFGMNAENTTLVNKRIAWCVRTIAIARLVESGKIIFSPRALAKEFPRKHVS
DLIGLRRSDEDSQTRKRRLAGFLDSIDSSRPSVSSEQEYVSHFERTENRVGLQTLHGLKKKNGNEESPY
;
_entity_poly.pdbx_strand_id   A,B,C,D
#
loop_
_chem_comp.id
_chem_comp.type
_chem_comp.name
_chem_comp.formula
PO4 non-polymer 'PHOSPHATE ION' 'O4 P -3'
#
# COMPACT_ATOMS: atom_id res chain seq x y z
N GLY A 2 7.03 -14.00 -21.05
CA GLY A 2 7.48 -13.32 -19.85
C GLY A 2 6.34 -12.98 -18.91
N SER A 3 6.64 -12.98 -17.60
CA SER A 3 5.65 -12.74 -16.55
C SER A 3 5.72 -11.30 -16.06
N ILE A 4 4.61 -10.83 -15.49
CA ILE A 4 4.55 -9.46 -14.97
C ILE A 4 5.32 -9.43 -13.66
N GLU A 5 6.54 -8.88 -13.70
CA GLU A 5 7.39 -8.82 -12.52
C GLU A 5 6.85 -7.85 -11.49
N ALA A 6 6.27 -6.74 -11.94
CA ALA A 6 6.03 -5.63 -11.04
C ALA A 6 4.97 -4.72 -11.64
N LEU A 7 4.30 -3.96 -10.77
CA LEU A 7 3.15 -3.17 -11.18
C LEU A 7 3.15 -1.88 -10.37
N MET A 8 2.98 -0.76 -11.06
CA MET A 8 3.04 0.56 -10.46
C MET A 8 1.88 1.41 -10.93
N LEU A 9 1.20 2.06 -9.99
CA LEU A 9 0.23 3.11 -10.28
C LEU A 9 0.96 4.43 -10.52
N PHE A 10 0.61 5.13 -11.61
CA PHE A 10 1.28 6.40 -11.92
C PHE A 10 0.26 7.41 -12.45
N GLY A 11 0.75 8.57 -12.86
CA GLY A 11 -0.13 9.59 -13.40
C GLY A 11 -0.99 10.25 -12.32
N SER A 12 -2.13 10.79 -12.77
CA SER A 12 -3.02 11.52 -11.89
C SER A 12 -3.53 10.66 -10.76
N ALA A 13 -3.79 9.38 -11.02
CA ALA A 13 -4.34 8.53 -9.96
C ALA A 13 -3.32 8.34 -8.84
N ALA A 14 -2.03 8.23 -9.20
CA ALA A 14 -1.00 8.15 -8.16
C ALA A 14 -0.90 9.44 -7.37
N ARG A 15 -1.27 10.57 -7.95
CA ARG A 15 -1.29 11.83 -7.22
C ARG A 15 -2.59 12.06 -6.47
N GLY A 16 -3.54 11.13 -6.55
CA GLY A 16 -4.85 11.36 -5.95
C GLY A 16 -5.66 12.42 -6.64
N GLU A 17 -5.43 12.66 -7.92
CA GLU A 17 -6.16 13.65 -8.69
C GLU A 17 -7.18 12.93 -9.56
N SER A 18 -8.44 13.35 -9.47
CA SER A 18 -9.51 12.70 -10.20
C SER A 18 -9.99 13.63 -11.31
N ASP A 19 -9.84 13.17 -12.56
CA ASP A 19 -10.27 13.92 -13.73
C ASP A 19 -9.65 15.31 -13.81
N ASN A 21 -10.63 15.34 -18.33
CA ASN A 21 -10.74 14.01 -17.73
C ASN A 21 -9.39 13.31 -17.66
N SER A 22 -9.23 12.44 -16.68
CA SER A 22 -8.00 11.67 -16.49
C SER A 22 -8.31 10.18 -16.52
N ALA A 23 -7.32 9.38 -16.90
CA ALA A 23 -7.44 7.94 -16.91
C ALA A 23 -6.53 7.34 -15.85
N VAL A 24 -6.98 6.23 -15.26
CA VAL A 24 -6.15 5.53 -14.29
C VAL A 24 -5.04 4.82 -15.05
N ALA A 25 -3.80 5.13 -14.69
CA ALA A 25 -2.62 4.69 -15.43
C ALA A 25 -1.85 3.69 -14.59
N LEU A 26 -1.45 2.59 -15.21
CA LEU A 26 -0.74 1.51 -14.55
C LEU A 26 0.40 1.07 -15.44
N LEU A 27 1.56 0.86 -14.83
CA LEU A 27 2.75 0.38 -15.54
C LEU A 27 3.01 -1.04 -15.10
N ALA A 28 3.02 -1.96 -16.06
CA ALA A 28 3.35 -3.35 -15.81
C ALA A 28 4.73 -3.65 -16.39
N VAL A 29 5.61 -4.21 -15.57
CA VAL A 29 6.95 -4.60 -16.03
C VAL A 29 6.92 -6.08 -16.34
N THR A 30 7.23 -6.42 -17.59
CA THR A 30 7.25 -7.81 -18.00
C THR A 30 8.40 -8.03 -18.96
N SER A 31 9.12 -9.12 -18.76
CA SER A 31 10.27 -9.45 -19.61
C SER A 31 9.80 -9.85 -21.00
N GLY A 32 10.62 -9.53 -21.99
CA GLY A 32 10.40 -9.97 -23.35
C GLY A 32 9.64 -9.05 -24.28
N VAL A 33 8.47 -8.56 -23.84
CA VAL A 33 7.59 -7.84 -24.76
C VAL A 33 8.20 -6.50 -25.13
N ARG A 34 7.83 -6.02 -26.31
CA ARG A 34 8.10 -4.65 -26.71
C ARG A 34 7.13 -3.72 -26.00
N PRO A 35 7.44 -2.42 -25.91
CA PRO A 35 6.54 -1.50 -25.20
C PRO A 35 5.23 -1.32 -25.96
N PHE A 36 4.12 -1.61 -25.28
CA PHE A 36 2.79 -1.44 -25.85
C PHE A 36 1.82 -1.08 -24.73
N SER A 37 0.68 -0.52 -25.11
CA SER A 37 -0.31 -0.06 -24.16
C SER A 37 -1.66 -0.71 -24.46
N LYS A 38 -2.52 -0.78 -23.45
CA LYS A 38 -3.87 -1.31 -23.59
C LYS A 38 -4.81 -0.42 -22.79
N LYS A 39 -5.77 0.21 -23.47
CA LYS A 39 -6.52 1.31 -22.90
C LYS A 39 -8.02 1.04 -22.88
N THR A 40 -8.70 1.71 -21.94
CA THR A 40 -10.14 1.87 -22.02
C THR A 40 -10.41 3.36 -21.92
N GLU A 41 -11.68 3.76 -21.77
CA GLU A 41 -11.99 5.16 -21.57
C GLU A 41 -11.29 5.70 -20.32
N GLN A 42 -11.18 4.89 -19.28
CA GLN A 42 -10.70 5.39 -18.00
C GLN A 42 -9.50 4.63 -17.45
N THR A 43 -8.96 3.65 -18.17
CA THR A 43 -7.73 2.99 -17.75
C THR A 43 -6.72 3.02 -18.88
N GLU A 44 -5.45 3.12 -18.49
CA GLU A 44 -4.33 2.93 -19.40
C GLU A 44 -3.37 1.95 -18.77
N LEU A 45 -3.09 0.86 -19.47
CA LEU A 45 -2.18 -0.17 -18.98
C LEU A 45 -0.96 -0.19 -19.91
N GLN A 46 0.19 0.23 -19.40
CA GLN A 46 1.41 0.26 -20.17
C GLN A 46 2.32 -0.90 -19.77
N PHE A 47 3.04 -1.44 -20.76
CA PHE A 47 3.96 -2.55 -20.55
C PHE A 47 5.35 -2.15 -21.01
N LEU A 48 6.35 -2.51 -20.20
CA LEU A 48 7.75 -2.28 -20.53
C LEU A 48 8.57 -3.45 -20.02
N ASN A 49 9.65 -3.76 -20.74
CA ASN A 49 10.51 -4.76 -20.12
C ASN A 49 11.52 -4.08 -19.20
N PRO A 50 12.18 -4.83 -18.30
CA PRO A 50 13.11 -4.17 -17.37
C PRO A 50 14.22 -3.35 -18.03
N GLU A 51 14.76 -3.79 -19.18
CA GLU A 51 15.82 -3.04 -19.84
C GLU A 51 15.36 -1.65 -20.24
N GLU A 52 14.16 -1.53 -20.82
CA GLU A 52 13.65 -0.22 -21.22
C GLU A 52 13.37 0.65 -20.01
N LEU A 53 12.84 0.06 -18.94
CA LEU A 53 12.59 0.82 -17.72
C LEU A 53 13.88 1.38 -17.14
N LEU A 54 14.91 0.54 -17.02
CA LEU A 54 16.21 1.00 -16.51
C LEU A 54 16.83 2.03 -17.44
N ARG A 55 16.67 1.86 -18.76
CA ARG A 55 17.21 2.84 -19.69
C ARG A 55 16.60 4.22 -19.49
N SER A 56 15.28 4.28 -19.28
CA SER A 56 14.67 5.59 -19.06
C SER A 56 15.23 6.24 -17.80
N ALA A 57 15.54 5.46 -16.76
CA ALA A 57 16.18 6.03 -15.58
C ALA A 57 17.58 6.55 -15.91
N SER A 58 18.39 5.71 -16.58
CA SER A 58 19.75 6.11 -16.95
C SER A 58 19.77 7.35 -17.82
N ASP A 59 18.78 7.49 -18.71
CA ASP A 59 18.65 8.65 -19.58
C ASP A 59 18.04 9.85 -18.87
N GLY A 60 17.58 9.68 -17.64
CA GLY A 60 16.89 10.75 -16.94
C GLY A 60 15.64 11.25 -17.62
N ASP A 61 14.92 10.37 -18.33
CA ASP A 61 13.64 10.75 -18.94
C ASP A 61 12.73 11.38 -17.90
N LEU A 62 11.97 12.40 -18.33
CA LEU A 62 11.03 13.04 -17.41
C LEU A 62 10.01 12.04 -16.89
N PHE A 63 9.59 11.08 -17.73
CA PHE A 63 8.67 10.04 -17.27
C PHE A 63 9.29 9.20 -16.14
N ALA A 64 10.58 8.86 -16.27
CA ALA A 64 11.25 8.09 -15.21
C ALA A 64 11.28 8.87 -13.90
N ILE A 65 11.53 10.19 -13.98
CA ILE A 65 11.53 10.99 -12.76
C ILE A 65 10.17 10.94 -12.11
N HIS A 66 9.10 11.10 -12.91
CA HIS A 66 7.76 10.99 -12.38
C HIS A 66 7.55 9.63 -11.71
N LEU A 67 7.93 8.53 -12.38
CA LEU A 67 7.74 7.22 -11.76
C LEU A 67 8.45 7.14 -10.41
N ALA A 68 9.68 7.65 -10.34
CA ALA A 68 10.49 7.47 -9.15
C ALA A 68 9.94 8.28 -7.97
N PHE A 69 9.44 9.49 -8.26
CA PHE A 69 9.06 10.39 -7.17
C PHE A 69 7.57 10.39 -6.86
N GLU A 70 6.73 9.89 -7.76
CA GLU A 70 5.28 9.88 -7.56
C GLU A 70 4.62 8.53 -7.75
N GLY A 71 5.29 7.56 -8.37
CA GLY A 71 4.64 6.27 -8.61
C GLY A 71 4.39 5.52 -7.32
N LYS A 72 3.30 4.76 -7.30
CA LYS A 72 2.98 3.93 -6.14
C LYS A 72 3.14 2.47 -6.56
N ILE A 73 4.12 1.81 -5.95
CA ILE A 73 4.38 0.41 -6.26
C ILE A 73 3.25 -0.43 -5.69
N ILE A 74 2.61 -1.20 -6.57
CA ILE A 74 1.54 -2.11 -6.17
C ILE A 74 2.10 -3.47 -5.77
N PHE A 75 3.00 -4.03 -6.57
CA PHE A 75 3.82 -5.16 -6.14
C PHE A 75 5.11 -5.14 -6.96
N ASP A 76 6.12 -5.86 -6.46
CA ASP A 76 7.39 -5.96 -7.17
C ASP A 76 8.09 -7.22 -6.65
N THR A 77 8.05 -8.29 -7.45
CA THR A 77 8.60 -9.56 -7.04
C THR A 77 10.07 -9.74 -7.40
N THR A 78 10.65 -8.84 -8.19
CA THR A 78 12.03 -8.98 -8.59
C THR A 78 12.94 -7.89 -8.08
N GLY A 79 12.41 -6.86 -7.43
CA GLY A 79 13.24 -5.72 -7.10
C GLY A 79 13.54 -4.81 -8.26
N VAL A 80 12.82 -4.95 -9.38
CA VAL A 80 13.14 -4.18 -10.58
C VAL A 80 12.96 -2.69 -10.34
N PHE A 81 12.02 -2.29 -9.48
CA PHE A 81 11.82 -0.88 -9.23
C PHE A 81 12.95 -0.27 -8.39
N THR A 82 13.60 -1.10 -7.55
CA THR A 82 14.77 -0.62 -6.83
C THR A 82 15.94 -0.43 -7.76
N ARG A 83 16.16 -1.38 -8.66
CA ARG A 83 17.20 -1.24 -9.67
C ARG A 83 16.93 -0.04 -10.56
N PHE A 84 15.65 0.17 -10.90
CA PHE A 84 15.23 1.37 -11.63
C PHE A 84 15.65 2.64 -10.88
N LYS A 85 15.30 2.73 -9.60
CA LYS A 85 15.59 3.96 -8.87
C LYS A 85 17.09 4.17 -8.72
N GLU A 86 17.84 3.08 -8.48
CA GLU A 86 19.30 3.18 -8.37
C GLU A 86 19.97 3.56 -9.69
N ARG A 87 19.26 3.47 -10.82
CA ARG A 87 19.82 3.84 -12.12
C ARG A 87 19.52 5.28 -12.53
N LEU A 88 18.55 5.93 -11.90
CA LEU A 88 18.14 7.28 -12.27
C LEU A 88 19.30 8.26 -12.18
N VAL A 89 19.56 8.97 -13.27
CA VAL A 89 20.48 10.12 -13.27
C VAL A 89 19.66 11.32 -13.73
N ILE A 90 19.30 12.20 -12.79
CA ILE A 90 18.60 13.44 -13.12
C ILE A 90 19.59 14.41 -13.75
N ARG A 91 19.33 14.82 -14.98
CA ARG A 91 20.27 15.71 -15.68
C ARG A 91 20.13 17.16 -15.23
N LYS A 92 21.20 17.93 -15.44
CA LYS A 92 21.12 19.36 -15.21
C LYS A 92 20.51 20.10 -16.40
N ASP A 93 20.50 19.47 -17.57
CA ASP A 93 20.17 20.15 -18.83
C ASP A 93 19.08 19.34 -19.52
N TYR A 94 17.88 19.90 -19.57
CA TYR A 94 16.79 19.31 -20.33
C TYR A 94 16.47 20.15 -21.56
N GLY A 95 17.50 20.80 -22.11
CA GLY A 95 17.31 21.62 -23.31
C GLY A 95 16.73 20.83 -24.47
N ARG A 96 17.11 19.56 -24.58
CA ARG A 96 16.61 18.75 -25.68
C ARG A 96 15.11 18.51 -25.57
N GLU A 97 14.63 18.12 -24.39
CA GLU A 97 13.20 17.96 -24.20
C GLU A 97 12.45 19.28 -24.38
N ILE A 98 13.04 20.38 -23.89
CA ILE A 98 12.40 21.69 -24.00
C ILE A 98 12.26 22.10 -25.46
N LYS A 99 13.31 21.87 -26.25
CA LYS A 99 13.27 22.18 -27.67
C LYS A 99 12.22 21.34 -28.40
N TRP A 100 12.00 20.10 -27.96
CA TRP A 100 10.98 19.28 -28.59
C TRP A 100 9.60 19.89 -28.39
N GLY A 101 9.27 20.27 -27.15
CA GLY A 101 7.97 20.88 -26.90
C GLY A 101 7.84 22.23 -27.57
N ASN A 102 8.91 23.02 -27.57
CA ASN A 102 8.95 24.30 -28.28
C ASN A 102 8.65 24.12 -29.76
N ASP A 103 9.36 23.18 -30.40
CA ASP A 103 9.25 23.04 -31.86
C ASP A 103 7.88 22.49 -32.29
N LEU A 104 7.32 21.55 -31.52
CA LEU A 104 5.99 21.06 -31.83
C LEU A 104 4.94 22.16 -31.65
N ALA A 105 5.10 22.99 -30.62
CA ALA A 105 4.20 24.11 -30.40
C ALA A 105 4.17 25.02 -31.61
N TRP A 106 5.34 25.29 -32.23
CA TRP A 106 5.36 26.17 -33.39
C TRP A 106 4.70 25.52 -34.60
N TYR A 107 4.86 24.19 -34.76
CA TYR A 107 4.16 23.53 -35.85
C TYR A 107 2.65 23.62 -35.67
N LEU A 108 2.18 23.42 -34.43
CA LEU A 108 0.76 23.50 -34.16
C LEU A 108 0.24 24.91 -34.38
N LEU A 109 1.01 25.91 -33.93
CA LEU A 109 0.66 27.30 -34.19
C LEU A 109 0.51 27.57 -35.69
N ASP A 110 1.37 26.97 -36.52
CA ASP A 110 1.41 27.28 -37.94
C ASP A 110 0.45 26.46 -38.78
N PHE A 111 0.18 25.21 -38.40
CA PHE A 111 -0.56 24.30 -39.25
C PHE A 111 -1.67 23.56 -38.51
N GLY A 112 -1.79 23.71 -37.21
CA GLY A 112 -2.73 22.90 -36.46
C GLY A 112 -3.99 23.59 -35.97
N MET A 113 -4.00 24.92 -35.96
CA MET A 113 -5.10 25.62 -35.32
C MET A 113 -6.40 25.50 -36.11
N ASN A 114 -6.34 25.13 -37.38
CA ASN A 114 -7.54 24.94 -38.19
C ASN A 114 -7.83 23.47 -38.49
N ALA A 115 -6.98 22.55 -38.03
CA ALA A 115 -7.24 21.14 -38.24
C ALA A 115 -8.59 20.75 -37.66
N GLU A 116 -9.25 19.80 -38.32
CA GLU A 116 -10.56 19.37 -37.85
C GLU A 116 -10.46 18.64 -36.51
N ASN A 117 -9.44 17.80 -36.35
CA ASN A 117 -9.22 17.12 -35.07
C ASN A 117 -8.71 18.12 -34.04
N THR A 118 -9.59 19.00 -33.56
CA THR A 118 -9.17 20.08 -32.67
C THR A 118 -8.77 19.55 -31.30
N THR A 119 -9.45 18.52 -30.80
CA THR A 119 -9.12 18.02 -29.46
C THR A 119 -7.74 17.36 -29.42
N LEU A 120 -7.30 16.77 -30.54
CA LEU A 120 -5.93 16.28 -30.59
C LEU A 120 -4.93 17.44 -30.60
N VAL A 121 -5.28 18.53 -31.27
CA VAL A 121 -4.39 19.67 -31.30
C VAL A 121 -4.28 20.30 -29.92
N ASN A 122 -5.41 20.48 -29.24
CA ASN A 122 -5.35 21.00 -27.88
C ASN A 122 -4.58 20.07 -26.96
N LYS A 123 -4.73 18.75 -27.17
CA LYS A 123 -4.03 17.79 -26.33
C LYS A 123 -2.52 17.89 -26.54
N ARG A 124 -2.10 18.09 -27.79
CA ARG A 124 -0.67 18.17 -28.07
C ARG A 124 -0.10 19.52 -27.67
N ILE A 125 -0.89 20.59 -27.78
CA ILE A 125 -0.49 21.87 -27.22
C ILE A 125 -0.24 21.73 -25.72
N ALA A 126 -1.21 21.16 -25.00
CA ALA A 126 -1.03 20.93 -23.57
C ALA A 126 0.23 20.11 -23.31
N TRP A 127 0.51 19.10 -24.14
CA TRP A 127 1.73 18.32 -23.97
C TRP A 127 2.97 19.18 -24.13
N CYS A 128 2.95 20.13 -25.08
CA CYS A 128 4.12 20.98 -25.28
C CYS A 128 4.37 21.86 -24.06
N VAL A 129 3.31 22.47 -23.53
CA VAL A 129 3.46 23.38 -22.41
C VAL A 129 3.90 22.62 -21.16
N ARG A 130 3.25 21.47 -20.89
CA ARG A 130 3.62 20.68 -19.72
C ARG A 130 5.06 20.24 -19.80
N THR A 131 5.50 19.77 -20.98
CA THR A 131 6.87 19.32 -21.16
C THR A 131 7.87 20.45 -20.88
N ILE A 132 7.65 21.62 -21.47
CA ILE A 132 8.52 22.75 -21.20
C ILE A 132 8.52 23.09 -19.72
N ALA A 133 7.33 23.21 -19.11
CA ALA A 133 7.26 23.56 -17.69
C ALA A 133 7.95 22.52 -16.82
N ILE A 134 7.66 21.24 -17.05
CA ILE A 134 8.25 20.19 -16.22
C ILE A 134 9.77 20.22 -16.33
N ALA A 135 10.27 20.31 -17.56
CA ALA A 135 11.71 20.27 -17.80
C ALA A 135 12.42 21.46 -17.17
N ARG A 136 11.83 22.66 -17.28
CA ARG A 136 12.44 23.81 -16.64
C ARG A 136 12.45 23.66 -15.12
N LEU A 137 11.38 23.09 -14.55
CA LEU A 137 11.33 22.95 -13.11
C LEU A 137 12.34 21.90 -12.63
N VAL A 138 12.49 20.80 -13.39
CA VAL A 138 13.50 19.81 -13.04
C VAL A 138 14.89 20.42 -13.08
N GLU A 139 15.16 21.26 -14.09
CA GLU A 139 16.45 21.96 -14.17
C GLU A 139 16.69 22.80 -12.93
N SER A 140 15.62 23.32 -12.31
CA SER A 140 15.79 24.11 -11.10
C SER A 140 15.72 23.26 -9.85
N GLY A 141 15.61 21.93 -9.99
CA GLY A 141 15.68 21.02 -8.87
C GLY A 141 14.35 20.59 -8.28
N LYS A 142 13.25 20.79 -8.99
CA LYS A 142 11.92 20.48 -8.48
C LYS A 142 11.37 19.25 -9.17
N ILE A 143 10.37 18.63 -8.54
CA ILE A 143 9.79 17.38 -9.02
C ILE A 143 8.30 17.60 -9.21
N ILE A 144 7.93 18.48 -10.14
CA ILE A 144 6.53 18.86 -10.33
C ILE A 144 5.98 18.20 -11.59
N PHE A 145 4.81 17.56 -11.47
CA PHE A 145 4.16 17.01 -12.65
C PHE A 145 2.67 17.32 -12.73
N SER A 146 1.99 17.49 -11.61
CA SER A 146 0.57 17.83 -11.56
C SER A 146 0.30 19.11 -12.37
N PRO A 147 -0.60 19.08 -13.36
CA PRO A 147 -0.86 20.31 -14.12
C PRO A 147 -1.25 21.48 -13.25
N ARG A 148 -2.01 21.23 -12.18
CA ARG A 148 -2.36 22.29 -11.23
C ARG A 148 -1.13 22.96 -10.65
N ALA A 149 -0.14 22.16 -10.23
CA ALA A 149 1.06 22.72 -9.62
C ALA A 149 1.95 23.36 -10.67
N LEU A 150 2.00 22.79 -11.88
CA LEU A 150 2.79 23.35 -12.99
C LEU A 150 2.40 24.79 -13.28
N ALA A 151 1.10 25.05 -13.32
CA ALA A 151 0.60 26.40 -13.59
C ALA A 151 1.02 27.38 -12.51
N LYS A 152 1.12 26.93 -11.26
CA LYS A 152 1.55 27.84 -10.20
C LYS A 152 3.07 27.97 -10.14
N GLU A 153 3.80 26.86 -10.34
CA GLU A 153 5.26 26.90 -10.27
C GLU A 153 5.90 27.40 -11.57
N PHE A 154 5.21 27.35 -12.71
CA PHE A 154 5.74 27.85 -13.98
C PHE A 154 4.72 28.82 -14.57
N PRO A 155 4.52 30.00 -13.91
CA PRO A 155 3.39 30.89 -14.22
C PRO A 155 3.60 31.79 -15.44
N ARG A 156 3.99 31.18 -16.56
CA ARG A 156 4.12 31.93 -17.79
C ARG A 156 2.73 32.24 -18.36
N LYS A 157 2.69 32.96 -19.48
CA LYS A 157 1.43 33.47 -20.03
C LYS A 157 0.53 32.33 -20.50
N HIS A 158 -0.71 32.33 -20.00
CA HIS A 158 -1.80 31.44 -20.44
C HIS A 158 -1.52 29.97 -20.16
N VAL A 159 -0.59 29.65 -19.26
CA VAL A 159 -0.26 28.25 -18.98
C VAL A 159 -1.48 27.50 -18.46
N SER A 160 -2.21 28.10 -17.51
CA SER A 160 -3.40 27.46 -16.97
C SER A 160 -4.37 27.05 -18.07
N ASP A 161 -4.68 27.99 -18.97
CA ASP A 161 -5.61 27.70 -20.05
C ASP A 161 -5.05 26.72 -21.06
N LEU A 162 -3.73 26.78 -21.32
CA LEU A 162 -3.15 25.96 -22.38
C LEU A 162 -2.93 24.51 -21.97
N ILE A 163 -2.92 24.22 -20.67
CA ILE A 163 -2.83 22.87 -20.15
C ILE A 163 -4.20 22.31 -19.79
N GLY A 164 -5.26 23.06 -20.05
CA GLY A 164 -6.61 22.54 -19.89
C GLY A 164 -7.21 22.77 -18.52
N LEU A 165 -6.68 23.72 -17.75
CA LEU A 165 -7.23 24.05 -16.44
C LEU A 165 -8.49 24.93 -16.54
N ARG A 166 -8.96 25.23 -17.75
CA ARG A 166 -10.29 25.83 -17.94
C ARG A 166 -10.88 25.24 -19.22
N ARG A 167 -11.95 25.86 -19.70
CA ARG A 167 -12.67 25.47 -20.93
C ARG A 167 -12.76 23.96 -21.13
N ASP A 169 -14.69 25.73 -24.22
CA ASP A 169 -13.77 25.96 -25.34
C ASP A 169 -14.15 27.20 -26.14
N GLU A 170 -13.15 27.90 -26.65
CA GLU A 170 -13.31 29.12 -27.44
C GLU A 170 -12.76 28.93 -28.84
N ASP A 171 -12.87 29.98 -29.65
CA ASP A 171 -12.65 29.90 -31.09
C ASP A 171 -11.18 29.67 -31.41
N SER A 172 -10.93 29.38 -32.70
CA SER A 172 -9.58 29.11 -33.17
C SER A 172 -8.68 30.32 -33.01
N GLN A 173 -9.24 31.53 -33.14
CA GLN A 173 -8.44 32.74 -33.01
C GLN A 173 -7.84 32.85 -31.61
N THR A 174 -8.70 32.81 -30.58
CA THR A 174 -8.20 32.98 -29.21
C THR A 174 -7.19 31.91 -28.85
N ARG A 175 -7.44 30.67 -29.29
CA ARG A 175 -6.50 29.58 -29.02
C ARG A 175 -5.13 29.89 -29.58
N LYS A 176 -5.07 30.34 -30.85
CA LYS A 176 -3.78 30.68 -31.45
C LYS A 176 -3.15 31.88 -30.75
N ARG A 177 -3.96 32.87 -30.38
CA ARG A 177 -3.46 34.02 -29.63
C ARG A 177 -2.87 33.60 -28.29
N ARG A 178 -3.58 32.75 -27.54
CA ARG A 178 -3.05 32.23 -26.29
C ARG A 178 -1.73 31.51 -26.52
N LEU A 179 -1.65 30.69 -27.56
CA LEU A 179 -0.45 29.88 -27.76
C LEU A 179 0.74 30.74 -28.15
N ALA A 180 0.54 31.70 -29.06
CA ALA A 180 1.62 32.62 -29.41
C ALA A 180 2.07 33.44 -28.22
N GLY A 181 1.14 33.83 -27.34
CA GLY A 181 1.52 34.61 -26.17
C GLY A 181 2.35 33.82 -25.19
N PHE A 182 2.06 32.53 -25.04
CA PHE A 182 2.90 31.67 -24.20
C PHE A 182 4.30 31.53 -24.80
N LEU A 183 4.38 31.33 -26.11
CA LEU A 183 5.67 31.21 -26.75
C LEU A 183 6.46 32.51 -26.66
N ASP A 184 5.78 33.65 -26.71
CA ASP A 184 6.47 34.92 -26.53
C ASP A 184 6.96 35.06 -25.09
N SER A 185 6.18 34.59 -24.12
CA SER A 185 6.56 34.80 -22.73
C SER A 185 7.78 33.96 -22.34
N ILE A 186 8.06 32.86 -23.04
CA ILE A 186 9.24 32.07 -22.76
C ILE A 186 10.38 32.37 -23.73
N ASP A 187 10.29 33.49 -24.47
CA ASP A 187 11.30 33.91 -25.45
C ASP A 187 11.63 32.80 -26.44
N SER A 188 10.60 32.15 -26.95
CA SER A 188 10.75 31.06 -27.91
C SER A 188 10.87 31.59 -29.33
N SER A 189 11.76 30.95 -30.11
CA SER A 189 11.91 31.24 -31.53
C SER A 189 11.54 30.02 -32.35
N ARG A 190 10.79 30.24 -33.43
CA ARG A 190 10.49 29.18 -34.37
C ARG A 190 11.78 28.55 -34.89
N PRO A 191 11.83 27.23 -35.05
CA PRO A 191 12.96 26.62 -35.74
C PRO A 191 13.01 27.10 -37.20
N SER A 192 14.16 26.86 -37.83
CA SER A 192 14.42 27.37 -39.17
C SER A 192 13.73 26.51 -40.24
N VAL A 193 12.40 26.50 -40.16
CA VAL A 193 11.55 25.78 -41.10
C VAL A 193 10.42 26.70 -41.52
N SER A 194 9.72 26.31 -42.59
CA SER A 194 8.59 27.07 -43.07
C SER A 194 7.46 26.14 -43.49
N SER A 195 7.72 25.28 -44.48
CA SER A 195 6.69 24.38 -44.96
C SER A 195 6.48 23.22 -43.98
N GLU A 196 5.40 22.47 -44.22
CA GLU A 196 5.08 21.34 -43.37
C GLU A 196 6.14 20.23 -43.49
N GLN A 197 6.60 19.93 -44.72
CA GLN A 197 7.65 18.93 -44.88
C GLN A 197 8.96 19.38 -44.28
N GLU A 198 9.19 20.69 -44.18
CA GLU A 198 10.39 21.16 -43.50
C GLU A 198 10.30 20.90 -42.00
N TYR A 199 9.09 21.03 -41.44
CA TYR A 199 8.88 20.59 -40.07
C TYR A 199 9.12 19.09 -39.92
N VAL A 200 8.69 18.29 -40.89
CA VAL A 200 8.90 16.84 -40.81
C VAL A 200 10.39 16.52 -40.79
N SER A 201 11.13 17.08 -41.75
CA SER A 201 12.57 16.85 -41.79
C SER A 201 13.25 17.34 -40.51
N HIS A 202 12.81 18.47 -39.97
CA HIS A 202 13.42 19.00 -38.74
C HIS A 202 13.10 18.11 -37.54
N PHE A 203 11.84 17.65 -37.43
CA PHE A 203 11.51 16.68 -36.38
C PHE A 203 12.39 15.43 -36.50
N GLU A 204 12.66 14.99 -37.72
CA GLU A 204 13.48 13.80 -37.92
C GLU A 204 14.93 14.05 -37.52
N ARG A 205 15.50 15.17 -37.98
CA ARG A 205 16.88 15.50 -37.62
C ARG A 205 17.05 15.61 -36.10
N THR A 206 16.11 16.24 -35.41
CA THR A 206 16.22 16.42 -33.97
C THR A 206 15.66 15.25 -33.18
N GLU A 207 15.15 14.22 -33.86
CA GLU A 207 14.58 13.03 -33.23
C GLU A 207 13.44 13.39 -32.27
N ASN A 208 12.55 14.25 -32.75
CA ASN A 208 11.38 14.69 -32.01
C ASN A 208 10.24 13.70 -32.28
N ARG A 209 10.24 12.61 -31.52
CA ARG A 209 9.30 11.53 -31.78
C ARG A 209 7.85 11.98 -31.66
N VAL A 210 7.54 12.78 -30.64
CA VAL A 210 6.15 13.22 -30.45
C VAL A 210 5.76 14.23 -31.52
N GLY A 211 6.69 15.07 -31.95
CA GLY A 211 6.41 15.96 -33.08
C GLY A 211 6.07 15.20 -34.35
N LEU A 212 6.84 14.15 -34.64
CA LEU A 212 6.53 13.34 -35.83
C LEU A 212 5.21 12.60 -35.68
N GLN A 213 4.96 12.03 -34.49
CA GLN A 213 3.71 11.33 -34.25
C GLN A 213 2.52 12.27 -34.37
N THR A 214 2.68 13.51 -33.91
CA THR A 214 1.58 14.46 -33.95
C THR A 214 1.30 14.90 -35.38
N LEU A 215 2.34 15.27 -36.11
CA LEU A 215 2.16 15.81 -37.46
C LEU A 215 1.47 14.78 -38.36
N HIS A 216 1.99 13.54 -38.38
CA HIS A 216 1.37 12.50 -39.16
C HIS A 216 0.02 12.09 -38.59
N GLY A 217 -0.17 12.24 -37.27
CA GLY A 217 -1.47 11.96 -36.68
C GLY A 217 -2.55 12.94 -37.07
N LEU A 218 -2.18 14.14 -37.52
CA LEU A 218 -3.12 15.17 -37.94
C LEU A 218 -3.58 15.02 -39.38
N LYS A 219 -3.01 14.07 -40.12
CA LYS A 219 -3.36 13.86 -41.52
C LYS A 219 -3.86 12.43 -41.74
N ASN A 224 3.05 3.19 -29.56
CA ASN A 224 4.28 3.86 -29.16
C ASN A 224 4.05 5.37 -28.99
N GLU A 225 2.81 5.74 -28.67
CA GLU A 225 2.41 7.13 -28.56
C GLU A 225 2.70 7.69 -27.15
N GLU A 226 2.76 9.01 -27.06
CA GLU A 226 2.97 9.66 -25.77
C GLU A 226 1.75 9.44 -24.87
N SER A 227 2.01 9.13 -23.60
CA SER A 227 0.94 8.88 -22.67
C SER A 227 0.98 9.87 -21.50
N PRO A 228 -0.16 10.39 -21.08
CA PRO A 228 -0.17 11.41 -20.02
C PRO A 228 0.24 10.82 -18.67
N TYR A 229 1.02 11.59 -17.92
CA TYR A 229 1.40 11.18 -16.57
C TYR A 229 1.45 12.38 -15.61
N SER B 3 -14.25 8.44 -13.61
CA SER B 3 -15.24 7.93 -12.68
C SER B 3 -14.98 6.48 -12.26
N ILE B 4 -13.73 6.04 -12.32
CA ILE B 4 -13.34 4.87 -11.53
C ILE B 4 -13.14 5.36 -10.10
N GLU B 5 -14.03 4.97 -9.20
CA GLU B 5 -13.94 5.51 -7.84
C GLU B 5 -13.05 4.68 -6.93
N ALA B 6 -12.75 3.43 -7.31
CA ALA B 6 -11.95 2.59 -6.43
C ALA B 6 -11.29 1.49 -7.26
N LEU B 7 -10.15 1.02 -6.77
CA LEU B 7 -9.34 0.04 -7.48
C LEU B 7 -8.71 -0.91 -6.46
N MET B 8 -8.77 -2.20 -6.76
CA MET B 8 -8.31 -3.20 -5.81
C MET B 8 -7.51 -4.26 -6.56
N LEU B 9 -6.38 -4.66 -6.00
CA LEU B 9 -5.63 -5.81 -6.48
C LEU B 9 -6.20 -7.05 -5.80
N PHE B 10 -6.44 -8.11 -6.57
CA PHE B 10 -6.99 -9.32 -5.96
C PHE B 10 -6.34 -10.51 -6.64
N GLY B 11 -6.85 -11.72 -6.34
CA GLY B 11 -6.28 -12.90 -6.94
C GLY B 11 -4.88 -13.23 -6.43
N SER B 12 -4.13 -13.94 -7.27
CA SER B 12 -2.83 -14.47 -6.86
C SER B 12 -1.83 -13.36 -6.53
N ALA B 13 -1.82 -12.28 -7.32
CA ALA B 13 -0.89 -11.18 -7.03
C ALA B 13 -1.16 -10.55 -5.68
N ALA B 14 -2.42 -10.51 -5.23
CA ALA B 14 -2.72 -9.99 -3.90
C ALA B 14 -2.10 -10.85 -2.81
N ARG B 15 -2.04 -12.16 -3.03
CA ARG B 15 -1.38 -13.11 -2.14
C ARG B 15 0.11 -13.19 -2.34
N GLY B 16 0.66 -12.49 -3.33
CA GLY B 16 2.07 -12.63 -3.64
C GLY B 16 2.47 -13.91 -4.35
N GLU B 17 1.56 -14.51 -5.12
CA GLU B 17 1.86 -15.70 -5.92
C GLU B 17 2.17 -15.34 -7.37
N SER B 18 3.02 -16.15 -8.02
CA SER B 18 3.54 -15.79 -9.34
C SER B 18 3.54 -16.91 -10.37
N ASP B 19 2.99 -18.09 -10.08
CA ASP B 19 3.13 -19.21 -11.00
C ASP B 19 2.11 -19.16 -12.14
N LYS B 20 1.48 -20.30 -12.42
CA LYS B 20 0.47 -20.47 -13.47
C LYS B 20 0.77 -19.67 -14.75
N SER B 22 0.40 -15.91 -11.78
CA SER B 22 -0.73 -16.50 -12.49
C SER B 22 -1.32 -15.51 -13.49
N ALA B 23 -2.34 -14.78 -13.06
CA ALA B 23 -2.88 -13.66 -13.80
C ALA B 23 -3.04 -12.48 -12.85
N VAL B 24 -2.41 -11.35 -13.18
CA VAL B 24 -2.59 -10.15 -12.38
C VAL B 24 -4.04 -9.67 -12.53
N ALA B 25 -4.75 -9.59 -11.42
CA ALA B 25 -6.16 -9.28 -11.42
C ALA B 25 -6.41 -7.98 -10.66
N LEU B 26 -7.14 -7.05 -11.30
CA LEU B 26 -7.52 -5.77 -10.72
C LEU B 26 -9.02 -5.55 -10.86
N LEU B 27 -9.63 -5.01 -9.81
CA LEU B 27 -11.05 -4.70 -9.79
C LEU B 27 -11.24 -3.19 -9.74
N ALA B 28 -11.89 -2.64 -10.76
CA ALA B 28 -12.19 -1.23 -10.86
C ALA B 28 -13.66 -1.02 -10.55
N VAL B 29 -13.97 -0.20 -9.55
CA VAL B 29 -15.35 0.10 -9.22
C VAL B 29 -15.75 1.39 -9.92
N THR B 30 -16.77 1.32 -10.75
CA THR B 30 -17.14 2.49 -11.53
C THR B 30 -18.66 2.50 -11.73
N SER B 31 -19.25 3.68 -11.56
CA SER B 31 -20.69 3.82 -11.63
C SER B 31 -21.18 3.78 -13.06
N GLY B 32 -22.37 3.20 -13.24
CA GLY B 32 -22.93 3.07 -14.56
C GLY B 32 -22.67 1.71 -15.18
N VAL B 33 -21.39 1.34 -15.30
CA VAL B 33 -21.01 0.08 -15.93
C VAL B 33 -20.37 -0.86 -14.91
N PRO B 35 -20.94 -4.78 -16.00
CA PRO B 35 -19.81 -5.51 -15.42
C PRO B 35 -19.01 -6.29 -16.47
N PHE B 36 -18.06 -5.63 -17.13
CA PHE B 36 -17.22 -6.26 -18.13
C PHE B 36 -15.79 -6.41 -17.61
N SER B 37 -14.92 -6.96 -18.45
CA SER B 37 -13.54 -7.18 -18.09
C SER B 37 -12.69 -7.28 -19.35
N LYS B 38 -11.49 -6.71 -19.29
CA LYS B 38 -10.54 -6.72 -20.40
C LYS B 38 -9.23 -7.32 -19.92
N LYS B 39 -8.76 -8.35 -20.62
CA LYS B 39 -7.63 -9.15 -20.17
C LYS B 39 -6.63 -9.35 -21.28
N THR B 40 -5.35 -9.42 -20.89
CA THR B 40 -4.27 -9.82 -21.77
C THR B 40 -3.78 -11.21 -21.34
N GLU B 41 -2.61 -11.61 -21.83
CA GLU B 41 -2.08 -12.92 -21.50
C GLU B 41 -1.82 -13.08 -19.99
N GLN B 42 -1.49 -12.00 -19.30
CA GLN B 42 -1.22 -12.08 -17.86
C GLN B 42 -1.92 -11.02 -17.03
N THR B 43 -2.75 -10.18 -17.63
CA THR B 43 -3.52 -9.23 -16.84
C THR B 43 -5.02 -9.47 -17.03
N GLU B 44 -5.79 -8.95 -16.07
CA GLU B 44 -7.24 -9.03 -16.09
C GLU B 44 -7.79 -7.85 -15.30
N LEU B 45 -8.59 -7.03 -15.95
CA LEU B 45 -9.16 -5.83 -15.35
C LEU B 45 -10.68 -6.00 -15.35
N GLN B 46 -11.25 -6.21 -14.17
CA GLN B 46 -12.69 -6.39 -14.02
C GLN B 46 -13.33 -5.07 -13.58
N PHE B 47 -14.49 -4.78 -14.16
CA PHE B 47 -15.27 -3.59 -13.81
C PHE B 47 -16.58 -4.02 -13.17
N LEU B 48 -16.94 -3.38 -12.06
CA LEU B 48 -18.23 -3.54 -11.39
C LEU B 48 -18.69 -2.19 -10.90
N ASN B 49 -20.00 -1.98 -10.87
CA ASN B 49 -20.56 -0.80 -10.24
C ASN B 49 -20.83 -1.09 -8.76
N PRO B 50 -21.03 -0.05 -7.93
CA PRO B 50 -21.15 -0.31 -6.48
C PRO B 50 -22.32 -1.21 -6.11
N GLU B 51 -23.46 -1.09 -6.79
CA GLU B 51 -24.61 -1.93 -6.45
C GLU B 51 -24.29 -3.41 -6.64
N GLU B 52 -23.63 -3.75 -7.74
CA GLU B 52 -23.22 -5.14 -7.98
C GLU B 52 -22.20 -5.61 -6.96
N LEU B 53 -21.22 -4.76 -6.65
CA LEU B 53 -20.22 -5.16 -5.65
C LEU B 53 -20.86 -5.40 -4.30
N LEU B 54 -21.70 -4.47 -3.84
CA LEU B 54 -22.37 -4.66 -2.56
C LEU B 54 -23.33 -5.84 -2.59
N ARG B 55 -24.00 -6.08 -3.73
CA ARG B 55 -24.88 -7.25 -3.83
C ARG B 55 -24.10 -8.54 -3.63
N SER B 56 -22.88 -8.63 -4.17
CA SER B 56 -22.13 -9.87 -3.99
C SER B 56 -21.73 -10.08 -2.53
N ALA B 57 -21.46 -9.00 -1.79
CA ALA B 57 -21.23 -9.13 -0.35
C ALA B 57 -22.51 -9.55 0.37
N SER B 58 -23.63 -8.85 0.11
CA SER B 58 -24.92 -9.23 0.70
C SER B 58 -25.24 -10.69 0.47
N ASP B 59 -24.94 -11.20 -0.72
CA ASP B 59 -25.21 -12.59 -1.08
C ASP B 59 -24.19 -13.55 -0.51
N GLY B 60 -23.07 -13.06 0.04
CA GLY B 60 -22.08 -13.96 0.58
C GLY B 60 -21.32 -14.73 -0.48
N ASP B 61 -21.20 -14.17 -1.69
CA ASP B 61 -20.46 -14.85 -2.76
C ASP B 61 -19.03 -15.11 -2.32
N LEU B 62 -18.53 -16.30 -2.65
CA LEU B 62 -17.15 -16.63 -2.38
C LEU B 62 -16.20 -15.57 -2.90
N PHE B 63 -16.49 -15.02 -4.09
CA PHE B 63 -15.65 -13.97 -4.64
C PHE B 63 -15.63 -12.73 -3.75
N ALA B 64 -16.80 -12.32 -3.25
CA ALA B 64 -16.83 -11.22 -2.29
C ALA B 64 -15.97 -11.52 -1.05
N ILE B 65 -16.07 -12.74 -0.52
CA ILE B 65 -15.27 -13.10 0.66
C ILE B 65 -13.80 -12.94 0.35
N HIS B 66 -13.37 -13.41 -0.84
CA HIS B 66 -11.98 -13.24 -1.24
C HIS B 66 -11.56 -11.78 -1.28
N LEU B 67 -12.39 -10.92 -1.88
CA LEU B 67 -12.06 -9.50 -1.93
C LEU B 67 -11.92 -8.92 -0.54
N ALA B 68 -12.81 -9.28 0.37
CA ALA B 68 -12.78 -8.72 1.72
C ALA B 68 -11.60 -9.24 2.53
N PHE B 69 -11.16 -10.48 2.26
CA PHE B 69 -10.14 -11.17 3.06
C PHE B 69 -8.72 -10.94 2.56
N GLU B 70 -8.55 -10.80 1.24
CA GLU B 70 -7.25 -10.78 0.61
C GLU B 70 -7.06 -9.62 -0.35
N GLY B 71 -8.11 -8.90 -0.72
CA GLY B 71 -7.96 -7.81 -1.67
C GLY B 71 -7.14 -6.68 -1.09
N LYS B 72 -6.31 -6.08 -1.93
CA LYS B 72 -5.46 -4.97 -1.54
C LYS B 72 -6.00 -3.71 -2.21
N ILE B 73 -6.51 -2.79 -1.40
CA ILE B 73 -7.09 -1.56 -1.92
C ILE B 73 -5.97 -0.66 -2.43
N ILE B 74 -6.03 -0.30 -3.71
CA ILE B 74 -5.06 0.64 -4.27
C ILE B 74 -5.51 2.09 -4.05
N PHE B 75 -6.75 2.42 -4.41
CA PHE B 75 -7.37 3.64 -3.93
C PHE B 75 -8.86 3.41 -3.81
N ASP B 76 -9.50 4.33 -3.08
CA ASP B 76 -10.95 4.29 -2.88
C ASP B 76 -11.36 5.72 -2.55
N THR B 77 -11.91 6.44 -3.52
CA THR B 77 -12.26 7.82 -3.30
C THR B 77 -13.65 8.00 -2.72
N THR B 78 -14.47 6.94 -2.66
CA THR B 78 -15.85 7.10 -2.21
C THR B 78 -16.18 6.31 -0.95
N GLY B 79 -15.25 5.50 -0.43
CA GLY B 79 -15.62 4.61 0.65
C GLY B 79 -16.43 3.41 0.22
N VAL B 80 -16.50 3.12 -1.08
CA VAL B 80 -17.32 2.00 -1.53
C VAL B 80 -16.81 0.67 -0.98
N PHE B 81 -15.51 0.53 -0.73
CA PHE B 81 -15.04 -0.75 -0.20
C PHE B 81 -15.37 -0.90 1.29
N THR B 82 -15.48 0.21 2.01
CA THR B 82 -15.99 0.14 3.39
C THR B 82 -17.42 -0.35 3.40
N ARG B 83 -18.26 0.23 2.54
CA ARG B 83 -19.66 -0.19 2.46
C ARG B 83 -19.78 -1.61 1.97
N PHE B 84 -18.90 -2.01 1.04
CA PHE B 84 -18.83 -3.40 0.62
C PHE B 84 -18.62 -4.33 1.82
N LYS B 85 -17.62 -4.05 2.65
CA LYS B 85 -17.31 -4.94 3.77
C LYS B 85 -18.43 -4.93 4.81
N GLU B 86 -19.10 -3.79 4.99
CA GLU B 86 -20.20 -3.75 5.95
C GLU B 86 -21.43 -4.50 5.46
N ARG B 87 -21.57 -4.73 4.17
CA ARG B 87 -22.69 -5.51 3.64
C ARG B 87 -22.39 -7.02 3.63
N LEU B 88 -21.15 -7.44 3.82
CA LEU B 88 -20.81 -8.85 3.72
C LEU B 88 -21.52 -9.68 4.79
N VAL B 89 -22.22 -10.73 4.36
CA VAL B 89 -22.74 -11.75 5.26
C VAL B 89 -22.18 -13.08 4.77
N ILE B 90 -21.26 -13.65 5.53
CA ILE B 90 -20.76 -14.98 5.22
C ILE B 90 -21.82 -16.00 5.61
N ARG B 91 -22.23 -16.85 4.67
CA ARG B 91 -23.30 -17.78 5.00
C ARG B 91 -22.76 -19.00 5.75
N LYS B 92 -23.68 -19.71 6.40
CA LYS B 92 -23.30 -20.96 7.03
C LYS B 92 -23.52 -22.16 6.12
N ASP B 93 -24.26 -21.98 5.04
CA ASP B 93 -24.64 -23.07 4.14
C ASP B 93 -24.29 -22.64 2.73
N TYR B 94 -23.22 -23.21 2.17
CA TYR B 94 -22.87 -23.08 0.76
C TYR B 94 -23.23 -24.32 -0.04
N GLY B 95 -24.23 -25.08 0.41
CA GLY B 95 -24.64 -26.28 -0.31
C GLY B 95 -25.04 -26.01 -1.74
N ARG B 96 -25.57 -24.82 -2.02
CA ARG B 96 -26.00 -24.50 -3.39
C ARG B 96 -24.79 -24.35 -4.31
N GLU B 97 -23.75 -23.65 -3.86
CA GLU B 97 -22.53 -23.48 -4.64
C GLU B 97 -21.79 -24.81 -4.79
N ILE B 98 -21.74 -25.60 -3.71
CA ILE B 98 -21.10 -26.92 -3.75
C ILE B 98 -21.81 -27.82 -4.75
N LYS B 99 -23.15 -27.82 -4.73
CA LYS B 99 -23.88 -28.67 -5.67
C LYS B 99 -23.64 -28.22 -7.12
N TRP B 100 -23.58 -26.90 -7.37
CA TRP B 100 -23.27 -26.40 -8.72
C TRP B 100 -21.93 -26.92 -9.22
N GLY B 101 -20.90 -26.89 -8.38
CA GLY B 101 -19.60 -27.37 -8.80
C GLY B 101 -19.54 -28.88 -8.97
N ASN B 102 -20.21 -29.62 -8.07
CA ASN B 102 -20.38 -31.07 -8.24
C ASN B 102 -21.05 -31.39 -9.57
N ASP B 103 -22.18 -30.75 -9.86
CA ASP B 103 -22.96 -31.13 -11.04
C ASP B 103 -22.20 -30.85 -12.33
N LEU B 104 -21.51 -29.70 -12.40
CA LEU B 104 -20.75 -29.37 -13.60
C LEU B 104 -19.56 -30.31 -13.79
N ALA B 105 -18.92 -30.71 -12.67
CA ALA B 105 -17.84 -31.69 -12.74
C ALA B 105 -18.32 -33.01 -13.35
N TRP B 106 -19.51 -33.48 -12.96
CA TRP B 106 -20.05 -34.67 -13.61
C TRP B 106 -20.34 -34.41 -15.09
N TYR B 107 -20.85 -33.23 -15.44
CA TYR B 107 -21.08 -32.97 -16.86
C TYR B 107 -19.78 -33.09 -17.64
N LEU B 108 -18.69 -32.54 -17.10
CA LEU B 108 -17.42 -32.50 -17.82
C LEU B 108 -16.80 -33.89 -17.90
N LEU B 109 -16.87 -34.65 -16.81
CA LEU B 109 -16.49 -36.07 -16.83
C LEU B 109 -17.24 -36.85 -17.91
N ASP B 110 -18.56 -36.63 -18.01
CA ASP B 110 -19.40 -37.42 -18.90
C ASP B 110 -19.24 -37.02 -20.36
N PHE B 111 -19.04 -35.72 -20.62
CA PHE B 111 -19.11 -35.20 -21.97
C PHE B 111 -17.96 -34.29 -22.37
N GLY B 112 -17.11 -33.86 -21.45
CA GLY B 112 -16.15 -32.84 -21.83
C GLY B 112 -14.74 -33.32 -22.10
N MET B 113 -14.43 -34.56 -21.75
CA MET B 113 -13.03 -34.96 -21.68
C MET B 113 -12.40 -35.21 -23.05
N ASN B 114 -13.21 -35.31 -24.12
CA ASN B 114 -12.68 -35.33 -25.48
C ASN B 114 -12.98 -34.05 -26.26
N ALA B 115 -13.46 -33.00 -25.60
CA ALA B 115 -13.81 -31.78 -26.31
C ALA B 115 -12.59 -31.18 -26.99
N GLU B 116 -12.83 -30.41 -28.05
CA GLU B 116 -11.74 -29.74 -28.75
C GLU B 116 -11.03 -28.77 -27.81
N ASN B 117 -11.79 -27.94 -27.11
CA ASN B 117 -11.21 -26.91 -26.27
C ASN B 117 -10.80 -27.52 -24.92
N THR B 118 -9.65 -28.21 -24.94
CA THR B 118 -9.14 -28.85 -23.73
C THR B 118 -8.78 -27.83 -22.67
N THR B 119 -8.30 -26.65 -23.08
CA THR B 119 -7.89 -25.62 -22.12
C THR B 119 -9.09 -25.15 -21.32
N LEU B 120 -10.20 -24.88 -22.00
CA LEU B 120 -11.42 -24.46 -21.30
C LEU B 120 -11.96 -25.57 -20.40
N VAL B 121 -11.90 -26.83 -20.85
CA VAL B 121 -12.37 -27.92 -20.01
C VAL B 121 -11.53 -28.04 -18.74
N ASN B 122 -10.20 -28.03 -18.89
CA ASN B 122 -9.32 -28.08 -17.72
C ASN B 122 -9.58 -26.92 -16.77
N LYS B 123 -9.81 -25.72 -17.31
CA LYS B 123 -10.05 -24.55 -16.47
C LYS B 123 -11.37 -24.67 -15.72
N ARG B 124 -12.41 -25.19 -16.38
CA ARG B 124 -13.69 -25.34 -15.70
C ARG B 124 -13.66 -26.45 -14.66
N ILE B 125 -12.93 -27.54 -14.94
CA ILE B 125 -12.73 -28.57 -13.93
C ILE B 125 -12.05 -27.96 -12.70
N ALA B 126 -11.02 -27.15 -12.94
CA ALA B 126 -10.32 -26.49 -11.84
C ALA B 126 -11.29 -25.64 -11.02
N TRP B 127 -12.17 -24.91 -11.72
CA TRP B 127 -13.19 -24.10 -11.06
C TRP B 127 -14.13 -24.96 -10.22
N CYS B 128 -14.58 -26.10 -10.75
CA CYS B 128 -15.42 -27.00 -9.96
C CYS B 128 -14.72 -27.43 -8.68
N VAL B 129 -13.47 -27.88 -8.81
CA VAL B 129 -12.76 -28.40 -7.65
C VAL B 129 -12.48 -27.28 -6.64
N ARG B 130 -12.01 -26.11 -7.11
CA ARG B 130 -11.76 -25.00 -6.19
C ARG B 130 -13.05 -24.58 -5.49
N THR B 131 -14.14 -24.47 -6.24
CA THR B 131 -15.40 -24.03 -5.65
C THR B 131 -15.86 -24.97 -4.54
N ILE B 132 -15.83 -26.27 -4.81
CA ILE B 132 -16.22 -27.24 -3.77
C ILE B 132 -15.33 -27.06 -2.54
N ALA B 133 -14.01 -26.94 -2.75
CA ALA B 133 -13.08 -26.92 -1.62
C ALA B 133 -13.22 -25.64 -0.82
N ILE B 134 -13.27 -24.48 -1.51
CA ILE B 134 -13.40 -23.20 -0.82
C ILE B 134 -14.69 -23.17 -0.01
N ALA B 135 -15.79 -23.57 -0.64
CA ALA B 135 -17.09 -23.49 0.02
C ALA B 135 -17.14 -24.41 1.23
N ARG B 136 -16.63 -25.64 1.10
CA ARG B 136 -16.57 -26.55 2.25
C ARG B 136 -15.71 -25.94 3.35
N LEU B 137 -14.61 -25.30 2.99
CA LEU B 137 -13.77 -24.72 4.02
C LEU B 137 -14.46 -23.53 4.67
N VAL B 138 -15.19 -22.71 3.89
CA VAL B 138 -15.94 -21.61 4.49
C VAL B 138 -16.97 -22.13 5.48
N GLU B 139 -17.65 -23.23 5.13
CA GLU B 139 -18.64 -23.81 6.05
C GLU B 139 -18.02 -24.23 7.38
N SER B 140 -16.75 -24.66 7.38
CA SER B 140 -16.07 -25.01 8.62
C SER B 140 -15.44 -23.79 9.29
N GLY B 141 -15.56 -22.61 8.68
CA GLY B 141 -15.10 -21.37 9.26
C GLY B 141 -13.72 -20.91 8.84
N LYS B 142 -13.14 -21.51 7.81
CA LYS B 142 -11.82 -21.12 7.32
C LYS B 142 -11.98 -20.41 5.99
N ILE B 143 -11.05 -19.49 5.70
CA ILE B 143 -11.13 -18.65 4.51
C ILE B 143 -9.86 -18.93 3.70
N ILE B 144 -9.94 -19.87 2.76
CA ILE B 144 -8.79 -20.34 2.00
C ILE B 144 -9.09 -20.15 0.52
N PHE B 145 -8.24 -19.38 -0.17
CA PHE B 145 -8.34 -19.25 -1.63
C PHE B 145 -7.09 -19.67 -2.37
N SER B 146 -5.93 -19.65 -1.74
CA SER B 146 -4.70 -20.05 -2.40
C SER B 146 -4.79 -21.50 -2.87
N PRO B 147 -4.47 -21.79 -4.12
CA PRO B 147 -4.52 -23.19 -4.58
C PRO B 147 -3.58 -24.10 -3.79
N ARG B 148 -2.38 -23.65 -3.45
CA ARG B 148 -1.48 -24.46 -2.62
C ARG B 148 -2.15 -24.81 -1.29
N ALA B 149 -2.73 -23.81 -0.63
CA ALA B 149 -3.38 -24.04 0.65
C ALA B 149 -4.60 -24.95 0.52
N LEU B 150 -5.40 -24.78 -0.55
CA LEU B 150 -6.60 -25.59 -0.75
C LEU B 150 -6.28 -27.07 -0.77
N ALA B 151 -5.18 -27.45 -1.43
CA ALA B 151 -4.85 -28.87 -1.53
C ALA B 151 -4.51 -29.46 -0.17
N LYS B 152 -3.95 -28.64 0.73
CA LYS B 152 -3.61 -29.11 2.07
C LYS B 152 -4.80 -29.04 3.01
N GLU B 153 -5.63 -28.00 2.88
CA GLU B 153 -6.74 -27.81 3.82
C GLU B 153 -7.97 -28.61 3.43
N PHE B 154 -8.09 -29.01 2.17
CA PHE B 154 -9.18 -29.87 1.69
C PHE B 154 -8.55 -31.11 1.05
N PRO B 155 -8.01 -32.03 1.89
CA PRO B 155 -7.30 -33.21 1.34
C PRO B 155 -8.24 -34.24 0.72
N ARG B 156 -8.40 -34.15 -0.59
CA ARG B 156 -9.19 -35.09 -1.36
C ARG B 156 -8.37 -35.50 -2.57
N LYS B 157 -8.77 -36.59 -3.20
CA LYS B 157 -7.90 -37.22 -4.19
C LYS B 157 -7.72 -36.33 -5.40
N HIS B 158 -6.47 -36.11 -5.80
CA HIS B 158 -6.06 -35.38 -7.00
C HIS B 158 -6.43 -33.89 -6.97
N VAL B 159 -6.71 -33.31 -5.81
CA VAL B 159 -7.08 -31.89 -5.78
C VAL B 159 -5.95 -31.04 -6.35
N SER B 160 -4.72 -31.31 -5.94
CA SER B 160 -3.56 -30.58 -6.45
C SER B 160 -3.47 -30.67 -7.97
N ASP B 161 -3.49 -31.89 -8.52
CA ASP B 161 -3.48 -32.07 -9.98
C ASP B 161 -4.60 -31.30 -10.66
N LEU B 162 -5.82 -31.35 -10.12
CA LEU B 162 -6.97 -30.81 -10.84
C LEU B 162 -7.05 -29.28 -10.83
N ILE B 163 -6.48 -28.61 -9.82
CA ILE B 163 -6.55 -27.15 -9.83
C ILE B 163 -5.25 -26.59 -10.41
N GLY B 164 -4.51 -27.43 -11.14
CA GLY B 164 -3.42 -26.99 -11.98
C GLY B 164 -2.07 -26.97 -11.32
N LEU B 165 -1.99 -27.30 -10.04
CA LEU B 165 -0.72 -27.21 -9.31
C LEU B 165 0.32 -28.17 -9.86
N ARG B 166 -0.10 -29.35 -10.32
CA ARG B 166 0.83 -30.33 -10.88
C ARG B 166 0.65 -30.42 -12.40
N SER B 168 0.71 -30.39 -16.33
CA SER B 168 -0.69 -30.35 -16.73
C SER B 168 -0.84 -30.46 -18.26
N ASP B 169 -0.41 -31.61 -18.82
CA ASP B 169 -0.51 -31.85 -20.25
C ASP B 169 -0.80 -33.31 -20.57
N GLU B 170 -1.59 -34.00 -19.72
CA GLU B 170 -1.87 -35.41 -19.88
C GLU B 170 -2.88 -35.64 -21.02
N ASP B 171 -3.25 -36.90 -21.20
CA ASP B 171 -4.20 -37.31 -22.22
C ASP B 171 -5.58 -37.53 -21.61
N SER B 172 -6.54 -37.87 -22.46
CA SER B 172 -7.95 -37.82 -22.07
C SER B 172 -8.28 -38.86 -21.01
N GLN B 173 -7.81 -40.10 -21.20
CA GLN B 173 -8.04 -41.16 -20.22
C GLN B 173 -7.51 -40.77 -18.84
N THR B 174 -6.30 -40.21 -18.77
CA THR B 174 -5.71 -39.88 -17.48
C THR B 174 -6.44 -38.72 -16.82
N ARG B 175 -6.79 -37.69 -17.59
CA ARG B 175 -7.54 -36.58 -17.01
C ARG B 175 -8.88 -37.05 -16.47
N LYS B 176 -9.55 -37.96 -17.20
CA LYS B 176 -10.86 -38.43 -16.77
C LYS B 176 -10.75 -39.25 -15.48
N ARG B 177 -9.74 -40.11 -15.38
CA ARG B 177 -9.57 -40.90 -14.16
C ARG B 177 -9.30 -40.02 -12.95
N ARG B 178 -8.48 -38.97 -13.10
CA ARG B 178 -8.23 -38.07 -11.96
C ARG B 178 -9.52 -37.44 -11.50
N LEU B 179 -10.34 -36.97 -12.46
CA LEU B 179 -11.56 -36.30 -12.06
C LEU B 179 -12.52 -37.29 -11.41
N ALA B 180 -12.57 -38.52 -11.93
CA ALA B 180 -13.44 -39.53 -11.32
C ALA B 180 -12.97 -39.87 -9.90
N GLY B 181 -11.64 -39.95 -9.72
CA GLY B 181 -11.12 -40.24 -8.39
C GLY B 181 -11.43 -39.13 -7.40
N PHE B 182 -11.36 -37.87 -7.85
CA PHE B 182 -11.78 -36.77 -6.98
C PHE B 182 -13.25 -36.92 -6.59
N LEU B 183 -14.12 -37.16 -7.59
CA LEU B 183 -15.55 -37.25 -7.30
C LEU B 183 -15.86 -38.42 -6.37
N ASP B 184 -15.19 -39.57 -6.54
CA ASP B 184 -15.38 -40.66 -5.57
C ASP B 184 -14.90 -40.25 -4.19
N SER B 185 -13.80 -39.49 -4.12
CA SER B 185 -13.18 -39.14 -2.83
C SER B 185 -14.10 -38.25 -1.99
N ILE B 186 -14.88 -37.39 -2.62
CA ILE B 186 -15.84 -36.55 -1.91
C ILE B 186 -17.23 -37.20 -1.91
N ASP B 187 -17.31 -38.50 -2.19
CA ASP B 187 -18.57 -39.23 -2.12
C ASP B 187 -19.66 -38.50 -2.93
N SER B 188 -19.29 -38.07 -4.13
CA SER B 188 -20.21 -37.35 -5.00
C SER B 188 -20.99 -38.34 -5.85
N SER B 189 -22.19 -37.96 -6.24
CA SER B 189 -22.97 -38.77 -7.16
C SER B 189 -23.55 -37.90 -8.26
N ARG B 190 -23.53 -38.44 -9.47
CA ARG B 190 -24.07 -37.75 -10.62
C ARG B 190 -25.52 -37.34 -10.35
N PRO B 191 -25.96 -36.17 -10.82
CA PRO B 191 -27.38 -35.86 -10.74
C PRO B 191 -28.17 -36.84 -11.60
N SER B 192 -29.49 -36.85 -11.40
CA SER B 192 -30.34 -37.78 -12.15
C SER B 192 -30.49 -37.35 -13.59
N VAL B 193 -29.41 -37.47 -14.37
CA VAL B 193 -29.38 -37.10 -15.79
C VAL B 193 -28.52 -38.13 -16.50
N SER B 194 -28.70 -38.21 -17.81
CA SER B 194 -27.80 -39.03 -18.63
C SER B 194 -27.29 -38.22 -19.82
N SER B 195 -28.20 -37.71 -20.64
CA SER B 195 -27.80 -37.03 -21.86
C SER B 195 -27.40 -35.58 -21.59
N GLU B 196 -26.72 -35.00 -22.59
CA GLU B 196 -26.37 -33.59 -22.54
C GLU B 196 -27.62 -32.72 -22.41
N GLN B 197 -28.67 -33.06 -23.14
CA GLN B 197 -29.90 -32.27 -23.06
C GLN B 197 -30.48 -32.30 -21.66
N GLU B 198 -30.41 -33.46 -20.98
CA GLU B 198 -30.89 -33.55 -19.60
C GLU B 198 -30.01 -32.76 -18.64
N TYR B 199 -28.70 -32.71 -18.90
CA TYR B 199 -27.85 -31.80 -18.11
C TYR B 199 -28.29 -30.35 -18.27
N VAL B 200 -28.60 -29.91 -19.51
CA VAL B 200 -29.08 -28.55 -19.73
C VAL B 200 -30.31 -28.27 -18.88
N SER B 201 -31.33 -29.14 -18.97
CA SER B 201 -32.54 -28.95 -18.17
C SER B 201 -32.23 -28.92 -16.68
N HIS B 202 -31.37 -29.84 -16.21
CA HIS B 202 -30.97 -29.84 -14.81
C HIS B 202 -30.28 -28.54 -14.42
N PHE B 203 -29.37 -28.05 -15.26
CA PHE B 203 -28.70 -26.79 -14.95
C PHE B 203 -29.71 -25.64 -14.90
N GLU B 204 -30.74 -25.69 -15.76
CA GLU B 204 -31.76 -24.64 -15.76
C GLU B 204 -32.60 -24.70 -14.49
N ARG B 205 -33.10 -25.90 -14.13
CA ARG B 205 -33.91 -26.03 -12.93
C ARG B 205 -33.14 -25.61 -11.68
N THR B 206 -31.87 -25.99 -11.59
CA THR B 206 -31.07 -25.66 -10.41
C THR B 206 -30.39 -24.31 -10.54
N GLU B 207 -30.65 -23.59 -11.63
CA GLU B 207 -30.11 -22.26 -11.87
C GLU B 207 -28.59 -22.25 -11.76
N ASN B 208 -27.96 -23.25 -12.38
CA ASN B 208 -26.50 -23.39 -12.41
C ASN B 208 -25.96 -22.56 -13.57
N ARG B 209 -25.71 -21.27 -13.30
CA ARG B 209 -25.29 -20.36 -14.35
C ARG B 209 -23.95 -20.75 -14.95
N VAL B 210 -22.98 -21.12 -14.12
CA VAL B 210 -21.67 -21.47 -14.66
C VAL B 210 -21.76 -22.77 -15.45
N GLY B 211 -22.58 -23.72 -15.01
CA GLY B 211 -22.83 -24.91 -15.79
C GLY B 211 -23.38 -24.62 -17.18
N LEU B 212 -24.38 -23.72 -17.25
CA LEU B 212 -24.95 -23.37 -18.56
C LEU B 212 -23.93 -22.62 -19.42
N GLN B 213 -23.22 -21.65 -18.84
CA GLN B 213 -22.18 -20.94 -19.58
C GLN B 213 -21.13 -21.90 -20.13
N THR B 214 -20.77 -22.92 -19.35
CA THR B 214 -19.73 -23.86 -19.77
C THR B 214 -20.25 -24.78 -20.87
N LEU B 215 -21.43 -25.36 -20.67
CA LEU B 215 -22.00 -26.30 -21.64
C LEU B 215 -22.15 -25.65 -23.00
N HIS B 216 -22.64 -24.42 -23.03
CA HIS B 216 -22.78 -23.72 -24.29
C HIS B 216 -21.43 -23.19 -24.77
N GLY B 217 -20.50 -22.87 -23.86
CA GLY B 217 -19.17 -22.44 -24.28
C GLY B 217 -18.42 -23.51 -25.06
N LEU B 218 -18.75 -24.78 -24.83
CA LEU B 218 -18.12 -25.90 -25.53
C LEU B 218 -18.78 -26.21 -26.88
N LYS B 219 -19.84 -25.51 -27.25
CA LYS B 219 -20.53 -25.74 -28.52
C LYS B 219 -19.83 -25.02 -29.69
N PRO B 228 -10.05 -18.02 -12.17
CA PRO B 228 -9.50 -18.27 -10.83
C PRO B 228 -9.09 -16.98 -10.13
N TYR B 229 -9.20 -16.92 -8.81
CA TYR B 229 -8.70 -15.77 -8.05
C TYR B 229 -8.02 -16.22 -6.75
N SER C 3 14.03 -10.23 14.83
CA SER C 3 13.75 -8.96 14.20
C SER C 3 12.29 -8.84 13.75
N ILE C 4 11.94 -7.71 13.12
CA ILE C 4 10.56 -7.42 12.75
C ILE C 4 10.28 -7.99 11.36
N GLU C 5 9.54 -9.10 11.32
CA GLU C 5 9.23 -9.80 10.08
C GLU C 5 8.18 -9.07 9.26
N ALA C 6 7.20 -8.45 9.92
CA ALA C 6 6.05 -7.89 9.22
C ALA C 6 5.42 -6.79 10.07
N LEU C 7 4.68 -5.92 9.40
CA LEU C 7 4.07 -4.74 10.02
C LEU C 7 2.72 -4.51 9.37
N MET C 8 1.71 -4.25 10.19
CA MET C 8 0.33 -4.09 9.74
C MET C 8 -0.29 -2.88 10.42
N LEU C 9 -0.95 -2.02 9.65
CA LEU C 9 -1.80 -0.99 10.20
C LEU C 9 -3.14 -1.61 10.57
N PHE C 10 -3.64 -1.36 11.78
CA PHE C 10 -4.94 -1.92 12.15
C PHE C 10 -5.74 -0.84 12.86
N GLY C 11 -6.92 -1.20 13.37
CA GLY C 11 -7.68 -0.25 14.16
C GLY C 11 -8.32 0.81 13.29
N SER C 12 -8.60 1.96 13.91
CA SER C 12 -9.35 3.01 13.22
C SER C 12 -8.60 3.56 12.01
N ALA C 13 -7.28 3.68 12.09
CA ALA C 13 -6.56 4.26 10.95
C ALA C 13 -6.59 3.30 9.75
N ALA C 14 -6.66 2.00 9.98
CA ALA C 14 -6.81 1.04 8.88
C ALA C 14 -8.15 1.19 8.16
N ARG C 15 -9.16 1.72 8.83
CA ARG C 15 -10.45 1.98 8.23
C ARG C 15 -10.59 3.40 7.70
N GLY C 16 -9.54 4.22 7.81
CA GLY C 16 -9.67 5.61 7.42
C GLY C 16 -10.49 6.45 8.36
N GLU C 17 -10.52 6.12 9.65
CA GLU C 17 -11.23 6.91 10.66
C GLU C 17 -10.24 7.74 11.47
N SER C 18 -10.53 9.03 11.63
CA SER C 18 -9.65 9.96 12.31
C SER C 18 -10.32 10.63 13.51
N ASP C 19 -11.26 9.93 14.14
CA ASP C 19 -12.04 10.49 15.23
C ASP C 19 -11.29 10.46 16.56
N ASN C 21 -10.16 10.37 19.71
CA ASN C 21 -10.26 8.93 19.96
C ASN C 21 -9.65 8.13 18.82
N SER C 22 -8.84 8.82 18.00
CA SER C 22 -8.18 8.22 16.85
C SER C 22 -6.76 7.82 17.24
N ALA C 23 -6.62 6.59 17.74
CA ALA C 23 -5.31 6.04 18.06
C ALA C 23 -4.75 5.30 16.84
N VAL C 24 -3.60 5.75 16.34
CA VAL C 24 -2.97 5.09 15.20
C VAL C 24 -2.25 3.83 15.69
N ALA C 25 -2.62 2.68 15.13
CA ALA C 25 -2.26 1.39 15.67
C ALA C 25 -1.52 0.56 14.62
N LEU C 26 -0.40 -0.01 15.03
CA LEU C 26 0.46 -0.78 14.14
C LEU C 26 0.86 -2.05 14.87
N LEU C 27 0.81 -3.18 14.17
CA LEU C 27 1.22 -4.46 14.74
C LEU C 27 2.53 -4.87 14.09
N ALA C 28 3.58 -4.98 14.91
CA ALA C 28 4.86 -5.50 14.46
C ALA C 28 4.97 -6.97 14.84
N VAL C 29 5.26 -7.81 13.86
CA VAL C 29 5.46 -9.23 14.11
C VAL C 29 6.96 -9.46 14.26
N THR C 30 7.37 -9.85 15.47
CA THR C 30 8.79 -10.01 15.73
C THR C 30 9.05 -11.35 16.41
N SER C 31 10.00 -12.09 15.86
CA SER C 31 10.30 -13.43 16.34
C SER C 31 10.83 -13.39 17.77
N GLY C 32 10.36 -14.34 18.57
CA GLY C 32 10.90 -14.59 19.90
C GLY C 32 10.34 -13.70 20.99
N VAL C 33 10.08 -12.44 20.66
CA VAL C 33 9.78 -11.45 21.69
C VAL C 33 8.42 -11.71 22.32
N ARG C 34 8.32 -11.41 23.63
CA ARG C 34 7.07 -11.45 24.35
C ARG C 34 6.13 -10.37 23.83
N PRO C 35 4.82 -10.51 24.08
CA PRO C 35 3.87 -9.48 23.63
C PRO C 35 3.93 -8.25 24.53
N PHE C 36 4.21 -7.09 23.94
CA PHE C 36 4.17 -5.81 24.63
C PHE C 36 3.78 -4.73 23.63
N SER C 37 3.71 -3.48 24.11
CA SER C 37 3.31 -2.38 23.26
C SER C 37 3.92 -1.08 23.76
N LYS C 38 4.28 -0.21 22.81
CA LYS C 38 4.83 1.11 23.10
C LYS C 38 3.86 2.14 22.54
N LYS C 39 3.32 2.99 23.43
CA LYS C 39 2.25 3.89 23.03
C LYS C 39 2.53 5.32 23.47
N THR C 40 2.19 6.26 22.60
CA THR C 40 2.20 7.68 22.88
C THR C 40 0.74 8.16 22.89
N GLU C 41 0.56 9.48 22.91
CA GLU C 41 -0.79 10.05 22.90
C GLU C 41 -1.59 9.53 21.70
N GLN C 42 -0.97 9.52 20.52
CA GLN C 42 -1.69 9.23 19.28
C GLN C 42 -1.30 7.91 18.62
N THR C 43 -0.28 7.20 19.12
CA THR C 43 0.22 5.99 18.48
C THR C 43 0.20 4.81 19.45
N GLU C 44 -0.04 3.63 18.89
CA GLU C 44 0.11 2.37 19.62
C GLU C 44 0.87 1.42 18.73
N LEU C 45 2.01 0.96 19.20
CA LEU C 45 2.85 0.03 18.46
C LEU C 45 2.88 -1.28 19.26
N GLN C 46 2.22 -2.31 18.73
CA GLN C 46 2.05 -3.57 19.42
C GLN C 46 2.93 -4.65 18.79
N PHE C 47 3.58 -5.44 19.65
CA PHE C 47 4.49 -6.50 19.24
C PHE C 47 3.91 -7.86 19.60
N LEU C 48 3.87 -8.77 18.62
CA LEU C 48 3.50 -10.17 18.80
C LEU C 48 4.53 -11.02 18.08
N ASN C 49 4.78 -12.21 18.61
CA ASN C 49 5.57 -13.17 17.85
C ASN C 49 4.64 -14.00 16.96
N PRO C 50 5.20 -14.69 15.96
CA PRO C 50 4.34 -15.47 15.04
C PRO C 50 3.46 -16.51 15.72
N GLU C 51 3.98 -17.21 16.75
CA GLU C 51 3.19 -18.25 17.40
C GLU C 51 1.93 -17.68 18.05
N GLU C 52 2.07 -16.55 18.76
CA GLU C 52 0.90 -15.89 19.37
C GLU C 52 -0.04 -15.35 18.31
N LEU C 53 0.49 -14.83 17.21
CA LEU C 53 -0.39 -14.30 16.18
C LEU C 53 -1.20 -15.43 15.56
N LEU C 54 -0.52 -16.52 15.18
CA LEU C 54 -1.21 -17.68 14.62
C LEU C 54 -2.18 -18.30 15.61
N ARG C 55 -1.84 -18.29 16.91
CA ARG C 55 -2.77 -18.83 17.90
C ARG C 55 -4.05 -18.00 17.96
N SER C 56 -3.95 -16.67 17.86
CA SER C 56 -5.16 -15.85 17.87
C SER C 56 -6.06 -16.18 16.70
N ALA C 57 -5.45 -16.54 15.55
CA ALA C 57 -6.23 -17.00 14.41
C ALA C 57 -6.88 -18.36 14.67
N SER C 58 -6.09 -19.35 15.08
CA SER C 58 -6.63 -20.66 15.45
C SER C 58 -7.79 -20.55 16.43
N ASP C 59 -7.66 -19.66 17.41
CA ASP C 59 -8.68 -19.46 18.44
C ASP C 59 -9.89 -18.70 17.93
N GLY C 60 -9.81 -18.10 16.74
CA GLY C 60 -10.90 -17.29 16.22
C GLY C 60 -11.15 -16.01 17.00
N ASP C 61 -10.12 -15.43 17.60
CA ASP C 61 -10.28 -14.24 18.41
C ASP C 61 -10.86 -13.11 17.56
N LEU C 62 -11.75 -12.32 18.17
CA LEU C 62 -12.35 -11.19 17.45
C LEU C 62 -11.26 -10.30 16.85
N PHE C 63 -10.22 -9.99 17.64
CA PHE C 63 -9.10 -9.19 17.16
C PHE C 63 -8.44 -9.80 15.92
N ALA C 64 -8.29 -11.13 15.90
CA ALA C 64 -7.69 -11.75 14.72
C ALA C 64 -8.60 -11.61 13.49
N ILE C 65 -9.92 -11.69 13.69
CA ILE C 65 -10.81 -11.47 12.55
C ILE C 65 -10.66 -10.05 12.02
N HIS C 66 -10.55 -9.07 12.93
CA HIS C 66 -10.34 -7.69 12.51
C HIS C 66 -9.06 -7.54 11.69
N LEU C 67 -7.96 -8.12 12.17
CA LEU C 67 -6.69 -8.01 11.44
C LEU C 67 -6.83 -8.61 10.05
N ALA C 68 -7.51 -9.74 9.95
CA ALA C 68 -7.59 -10.43 8.67
C ALA C 68 -8.46 -9.67 7.67
N PHE C 69 -9.53 -9.06 8.13
CA PHE C 69 -10.50 -8.46 7.21
C PHE C 69 -10.33 -6.96 7.03
N GLU C 70 -9.59 -6.31 7.91
CA GLU C 70 -9.42 -4.86 7.86
C GLU C 70 -7.97 -4.41 7.96
N GLY C 71 -7.06 -5.25 8.44
CA GLY C 71 -5.67 -4.83 8.58
C GLY C 71 -5.05 -4.53 7.24
N LYS C 72 -4.19 -3.52 7.21
CA LYS C 72 -3.47 -3.13 5.99
C LYS C 72 -2.01 -3.53 6.17
N ILE C 73 -1.57 -4.52 5.40
CA ILE C 73 -0.20 -5.00 5.50
C ILE C 73 0.74 -3.96 4.91
N ILE C 74 1.66 -3.46 5.72
CA ILE C 74 2.66 -2.52 5.24
C ILE C 74 3.86 -3.26 4.66
N PHE C 75 4.37 -4.28 5.34
CA PHE C 75 5.31 -5.19 4.70
C PHE C 75 5.23 -6.54 5.40
N ASP C 76 5.73 -7.58 4.72
CA ASP C 76 5.73 -8.93 5.28
C ASP C 76 6.83 -9.68 4.52
N THR C 77 7.98 -9.85 5.18
CA THR C 77 9.14 -10.44 4.54
C THR C 77 9.18 -11.96 4.65
N THR C 78 8.32 -12.56 5.46
CA THR C 78 8.35 -13.99 5.70
C THR C 78 7.06 -14.69 5.28
N GLY C 79 6.05 -13.96 4.85
CA GLY C 79 4.76 -14.57 4.62
C GLY C 79 4.00 -14.92 5.88
N VAL C 80 4.35 -14.32 7.02
CA VAL C 80 3.68 -14.68 8.27
C VAL C 80 2.19 -14.29 8.25
N PHE C 81 1.81 -13.24 7.51
CA PHE C 81 0.40 -12.84 7.49
C PHE C 81 -0.45 -13.77 6.61
N THR C 82 0.16 -14.39 5.61
CA THR C 82 -0.48 -15.47 4.88
C THR C 82 -0.74 -16.66 5.80
N ARG C 83 0.30 -17.12 6.53
CA ARG C 83 0.10 -18.24 7.44
C ARG C 83 -0.94 -17.91 8.51
N PHE C 84 -0.96 -16.65 8.97
CA PHE C 84 -1.97 -16.18 9.93
C PHE C 84 -3.38 -16.34 9.36
N LYS C 85 -3.60 -15.87 8.13
CA LYS C 85 -4.93 -15.97 7.52
C LYS C 85 -5.33 -17.40 7.22
N GLU C 86 -4.38 -18.26 6.85
CA GLU C 86 -4.71 -19.66 6.62
C GLU C 86 -5.00 -20.41 7.91
N ARG C 87 -4.61 -19.87 9.07
CA ARG C 87 -4.91 -20.49 10.35
C ARG C 87 -6.24 -20.02 10.94
N LEU C 88 -6.82 -18.95 10.40
CA LEU C 88 -8.03 -18.40 11.00
C LEU C 88 -9.17 -19.43 10.95
N VAL C 89 -9.81 -19.64 12.10
CA VAL C 89 -11.05 -20.40 12.19
C VAL C 89 -12.08 -19.50 12.87
N ILE C 90 -13.03 -19.00 12.10
CA ILE C 90 -14.12 -18.19 12.65
C ILE C 90 -15.11 -19.15 13.29
N ARG C 91 -15.41 -18.93 14.57
CA ARG C 91 -16.32 -19.81 15.28
C ARG C 91 -17.77 -19.46 14.95
N LYS C 92 -18.65 -20.43 15.23
CA LYS C 92 -20.09 -20.20 15.21
C LYS C 92 -20.60 -19.60 16.51
N ASP C 93 -19.92 -19.87 17.61
CA ASP C 93 -20.41 -19.59 18.96
C ASP C 93 -19.38 -18.72 19.64
N TYR C 94 -19.70 -17.43 19.83
CA TYR C 94 -18.85 -16.53 20.60
C TYR C 94 -19.43 -16.26 21.99
N GLY C 95 -20.22 -17.20 22.51
CA GLY C 95 -20.82 -17.06 23.82
C GLY C 95 -19.84 -16.84 24.96
N ARG C 96 -18.62 -17.36 24.82
CA ARG C 96 -17.64 -17.15 25.89
C ARG C 96 -17.28 -15.68 26.01
N GLU C 97 -16.96 -15.04 24.88
CA GLU C 97 -16.67 -13.61 24.87
C GLU C 97 -17.88 -12.78 25.27
N ILE C 98 -19.07 -13.17 24.79
CA ILE C 98 -20.28 -12.42 25.07
C ILE C 98 -20.59 -12.46 26.57
N LYS C 99 -20.42 -13.62 27.20
CA LYS C 99 -20.66 -13.72 28.64
C LYS C 99 -19.62 -12.92 29.43
N TRP C 100 -18.37 -12.88 28.97
CA TRP C 100 -17.38 -12.06 29.66
C TRP C 100 -17.77 -10.58 29.64
N GLY C 101 -18.20 -10.08 28.48
CA GLY C 101 -18.59 -8.68 28.42
C GLY C 101 -19.89 -8.44 29.18
N ASN C 102 -20.82 -9.38 29.06
CA ASN C 102 -22.07 -9.32 29.80
C ASN C 102 -21.82 -9.29 31.31
N ASP C 103 -20.99 -10.21 31.80
CA ASP C 103 -20.72 -10.32 33.22
C ASP C 103 -20.03 -9.06 33.76
N LEU C 104 -19.04 -8.54 33.04
CA LEU C 104 -18.39 -7.32 33.48
C LEU C 104 -19.35 -6.15 33.46
N ALA C 105 -20.20 -6.08 32.44
CA ALA C 105 -21.21 -5.02 32.36
C ALA C 105 -22.07 -4.99 33.63
N TRP C 106 -22.53 -6.16 34.10
CA TRP C 106 -23.32 -6.17 35.34
C TRP C 106 -22.49 -5.73 36.53
N TYR C 107 -21.21 -6.14 36.60
CA TYR C 107 -20.35 -5.68 37.69
C TYR C 107 -20.31 -4.16 37.72
N LEU C 108 -20.05 -3.54 36.56
CA LEU C 108 -19.91 -2.10 36.51
C LEU C 108 -21.22 -1.40 36.85
N LEU C 109 -22.34 -1.93 36.36
CA LEU C 109 -23.65 -1.41 36.73
C LEU C 109 -23.82 -1.41 38.24
N ASP C 110 -23.48 -2.53 38.89
CA ASP C 110 -23.72 -2.66 40.31
C ASP C 110 -22.76 -1.81 41.14
N PHE C 111 -21.50 -1.74 40.74
CA PHE C 111 -20.46 -1.18 41.61
C PHE C 111 -19.62 -0.08 40.98
N GLY C 112 -19.66 0.11 39.67
CA GLY C 112 -18.73 1.03 39.06
C GLY C 112 -19.24 2.44 38.82
N MET C 113 -20.55 2.67 38.90
CA MET C 113 -21.08 3.94 38.41
C MET C 113 -20.79 5.10 39.36
N ASN C 114 -20.45 4.82 40.61
CA ASN C 114 -20.02 5.85 41.55
C ASN C 114 -18.52 5.88 41.75
N ALA C 115 -17.76 5.05 41.04
CA ALA C 115 -16.32 4.96 41.29
C ALA C 115 -15.63 6.26 40.94
N GLU C 116 -14.48 6.50 41.59
CA GLU C 116 -13.72 7.72 41.37
C GLU C 116 -13.18 7.78 39.95
N ASN C 117 -12.59 6.69 39.46
CA ASN C 117 -12.01 6.64 38.12
C ASN C 117 -13.15 6.49 37.11
N THR C 118 -13.84 7.62 36.87
CA THR C 118 -14.92 7.61 35.89
C THR C 118 -14.41 7.26 34.50
N THR C 119 -13.20 7.68 34.17
CA THR C 119 -12.66 7.43 32.83
C THR C 119 -12.51 5.94 32.56
N LEU C 120 -11.95 5.20 33.52
CA LEU C 120 -11.76 3.77 33.33
C LEU C 120 -13.09 3.05 33.25
N VAL C 121 -14.04 3.41 34.13
CA VAL C 121 -15.38 2.83 34.06
C VAL C 121 -15.97 2.98 32.66
N ASN C 122 -16.00 4.21 32.15
CA ASN C 122 -16.61 4.43 30.84
C ASN C 122 -15.86 3.67 29.75
N LYS C 123 -14.54 3.60 29.87
CA LYS C 123 -13.77 2.84 28.90
C LYS C 123 -14.13 1.36 28.96
N ARG C 124 -14.29 0.82 30.17
CA ARG C 124 -14.60 -0.59 30.28
C ARG C 124 -16.06 -0.90 29.92
N ILE C 125 -16.98 0.04 30.17
CA ILE C 125 -18.34 -0.15 29.66
C ILE C 125 -18.31 -0.25 28.14
N ALA C 126 -17.52 0.61 27.49
CA ALA C 126 -17.47 0.60 26.03
C ALA C 126 -16.87 -0.70 25.52
N TRP C 127 -15.86 -1.23 26.22
CA TRP C 127 -15.32 -2.54 25.89
C TRP C 127 -16.39 -3.63 26.00
N CYS C 128 -17.20 -3.63 27.06
CA CYS C 128 -18.24 -4.63 27.21
C CYS C 128 -19.23 -4.57 26.05
N VAL C 129 -19.67 -3.36 25.69
CA VAL C 129 -20.68 -3.21 24.66
C VAL C 129 -20.11 -3.55 23.27
N ARG C 130 -18.93 -3.00 22.95
CA ARG C 130 -18.29 -3.36 21.68
C ARG C 130 -18.08 -4.86 21.57
N THR C 131 -17.63 -5.50 22.66
CA THR C 131 -17.35 -6.93 22.61
C THR C 131 -18.62 -7.72 22.32
N ILE C 132 -19.71 -7.38 22.99
CA ILE C 132 -20.97 -8.08 22.73
C ILE C 132 -21.42 -7.83 21.29
N ALA C 133 -21.36 -6.57 20.85
CA ALA C 133 -21.88 -6.23 19.53
C ALA C 133 -21.09 -6.91 18.43
N ILE C 134 -19.75 -6.80 18.49
CA ILE C 134 -18.86 -7.46 17.52
C ILE C 134 -19.11 -8.96 17.49
N ALA C 135 -19.17 -9.59 18.67
CA ALA C 135 -19.31 -11.04 18.74
C ALA C 135 -20.65 -11.51 18.15
N ARG C 136 -21.74 -10.80 18.47
CA ARG C 136 -23.04 -11.16 17.89
C ARG C 136 -23.04 -10.97 16.38
N LEU C 137 -22.39 -9.92 15.90
CA LEU C 137 -22.37 -9.71 14.46
C LEU C 137 -21.50 -10.77 13.76
N VAL C 138 -20.38 -11.16 14.35
CA VAL C 138 -19.59 -12.27 13.81
C VAL C 138 -20.39 -13.56 13.79
N GLU C 139 -21.16 -13.83 14.86
CA GLU C 139 -22.01 -15.02 14.88
C GLU C 139 -23.03 -14.99 13.74
N SER C 140 -23.47 -13.80 13.32
CA SER C 140 -24.40 -13.71 12.21
C SER C 140 -23.68 -13.62 10.85
N GLY C 141 -22.37 -13.82 10.82
CA GLY C 141 -21.65 -13.85 9.56
C GLY C 141 -21.07 -12.53 9.10
N LYS C 142 -20.98 -11.53 9.97
CA LYS C 142 -20.55 -10.22 9.52
C LYS C 142 -19.14 -9.92 10.02
N ILE C 143 -18.55 -8.86 9.47
CA ILE C 143 -17.19 -8.48 9.82
C ILE C 143 -17.18 -7.00 10.22
N ILE C 144 -17.92 -6.66 11.27
CA ILE C 144 -18.10 -5.26 11.68
C ILE C 144 -17.25 -4.98 12.90
N PHE C 145 -16.45 -3.90 12.83
CA PHE C 145 -15.66 -3.48 13.98
C PHE C 145 -15.70 -1.99 14.26
N SER C 146 -15.94 -1.14 13.26
CA SER C 146 -16.04 0.29 13.47
C SER C 146 -17.11 0.63 14.51
N PRO C 147 -16.78 1.40 15.55
CA PRO C 147 -17.84 1.78 16.51
C PRO C 147 -19.06 2.40 15.85
N ARG C 148 -18.87 3.26 14.85
CA ARG C 148 -20.01 3.84 14.13
C ARG C 148 -20.89 2.77 13.49
N ALA C 149 -20.28 1.77 12.85
CA ALA C 149 -21.06 0.71 12.22
C ALA C 149 -21.71 -0.21 13.25
N LEU C 150 -21.04 -0.46 14.37
CA LEU C 150 -21.60 -1.30 15.43
C LEU C 150 -22.94 -0.76 15.93
N ALA C 151 -23.03 0.55 16.09
CA ALA C 151 -24.26 1.13 16.57
C ALA C 151 -25.39 0.94 15.56
N LYS C 152 -25.07 0.99 14.26
CA LYS C 152 -26.08 0.82 13.22
C LYS C 152 -26.45 -0.65 13.05
N GLU C 153 -25.45 -1.52 13.04
CA GLU C 153 -25.65 -2.92 12.73
C GLU C 153 -26.13 -3.72 13.94
N PHE C 154 -25.89 -3.23 15.16
CA PHE C 154 -26.34 -3.85 16.41
C PHE C 154 -27.22 -2.83 17.12
N PRO C 155 -28.40 -2.53 16.55
CA PRO C 155 -29.22 -1.39 17.01
C PRO C 155 -29.92 -1.64 18.34
N ARG C 156 -29.13 -1.86 19.38
CA ARG C 156 -29.71 -2.07 20.70
C ARG C 156 -29.73 -0.75 21.47
N LYS C 157 -30.37 -0.78 22.64
CA LYS C 157 -30.62 0.46 23.37
C LYS C 157 -29.32 1.09 23.86
N HIS C 158 -29.12 2.36 23.50
CA HIS C 158 -28.04 3.22 24.00
C HIS C 158 -26.64 2.77 23.57
N VAL C 159 -26.53 1.91 22.56
CA VAL C 159 -25.21 1.44 22.12
C VAL C 159 -24.32 2.62 21.76
N SER C 160 -24.83 3.56 20.96
CA SER C 160 -24.04 4.70 20.50
C SER C 160 -23.48 5.50 21.68
N ASP C 161 -24.32 5.77 22.69
CA ASP C 161 -23.84 6.50 23.87
C ASP C 161 -22.79 5.71 24.62
N LEU C 162 -22.98 4.40 24.76
CA LEU C 162 -22.14 3.58 25.63
C LEU C 162 -20.77 3.23 25.03
N ILE C 163 -20.57 3.36 23.73
CA ILE C 163 -19.24 3.10 23.18
C ILE C 163 -18.52 4.39 22.82
N GLY C 164 -18.91 5.51 23.41
CA GLY C 164 -18.11 6.72 23.36
C GLY C 164 -18.35 7.61 22.17
N LEU C 165 -19.44 7.39 21.44
CA LEU C 165 -19.86 8.28 20.35
C LEU C 165 -20.65 9.47 20.89
N ARG C 166 -20.11 10.10 21.93
CA ARG C 166 -20.68 11.25 22.66
C ARG C 166 -22.20 11.27 22.73
N SER C 168 -21.05 12.48 26.50
CA SER C 168 -19.74 11.99 26.91
C SER C 168 -19.38 12.47 28.32
N ASP C 169 -20.25 13.30 28.91
CA ASP C 169 -20.03 13.82 30.25
C ASP C 169 -21.30 13.73 31.09
N GLU C 170 -22.13 12.74 30.83
CA GLU C 170 -23.37 12.56 31.59
C GLU C 170 -23.05 12.13 33.02
N ASP C 171 -23.98 12.43 33.94
CA ASP C 171 -23.75 12.18 35.35
C ASP C 171 -23.90 10.68 35.66
N SER C 172 -23.76 10.34 36.94
CA SER C 172 -23.75 8.92 37.32
C SER C 172 -25.13 8.30 37.15
N GLN C 173 -26.19 9.02 37.54
CA GLN C 173 -27.56 8.53 37.38
C GLN C 173 -27.85 8.17 35.92
N THR C 174 -27.54 9.11 35.01
CA THR C 174 -27.86 8.91 33.59
C THR C 174 -27.06 7.77 32.99
N ARG C 175 -25.77 7.67 33.32
CA ARG C 175 -24.96 6.59 32.74
C ARG C 175 -25.44 5.22 33.23
N LYS C 176 -25.87 5.12 34.49
CA LYS C 176 -26.30 3.82 35.01
C LYS C 176 -27.59 3.34 34.34
N ARG C 177 -28.55 4.25 34.14
CA ARG C 177 -29.78 3.84 33.47
C ARG C 177 -29.56 3.50 32.00
N ARG C 178 -28.64 4.19 31.33
CA ARG C 178 -28.33 3.80 29.96
C ARG C 178 -27.78 2.38 29.91
N LEU C 179 -26.80 2.09 30.76
CA LEU C 179 -26.25 0.73 30.81
C LEU C 179 -27.34 -0.28 31.14
N ALA C 180 -28.24 0.06 32.08
CA ALA C 180 -29.32 -0.85 32.43
C ALA C 180 -30.26 -1.10 31.26
N GLY C 181 -30.59 -0.05 30.50
CA GLY C 181 -31.44 -0.23 29.34
C GLY C 181 -30.78 -1.09 28.26
N PHE C 182 -29.48 -0.93 28.08
CA PHE C 182 -28.77 -1.76 27.11
C PHE C 182 -28.85 -3.23 27.49
N LEU C 183 -28.48 -3.55 28.73
CA LEU C 183 -28.53 -4.94 29.19
C LEU C 183 -29.93 -5.51 29.07
N ASP C 184 -30.94 -4.69 29.37
CA ASP C 184 -32.32 -5.11 29.19
C ASP C 184 -32.63 -5.37 27.72
N SER C 185 -32.16 -4.49 26.83
CA SER C 185 -32.49 -4.62 25.42
C SER C 185 -31.82 -5.83 24.78
N ILE C 186 -30.77 -6.40 25.40
CA ILE C 186 -30.19 -7.64 24.91
C ILE C 186 -30.62 -8.85 25.75
N ASP C 187 -31.65 -8.69 26.59
CA ASP C 187 -32.20 -9.78 27.41
C ASP C 187 -31.10 -10.43 28.26
N SER C 188 -30.27 -9.59 28.86
CA SER C 188 -29.16 -10.03 29.69
C SER C 188 -29.65 -10.34 31.10
N SER C 189 -29.04 -11.37 31.70
CA SER C 189 -29.28 -11.74 33.09
C SER C 189 -28.00 -11.53 33.89
N ARG C 190 -28.14 -10.91 35.06
CA ARG C 190 -27.03 -10.82 35.98
C ARG C 190 -26.58 -12.23 36.36
N PRO C 191 -25.27 -12.49 36.42
CA PRO C 191 -24.83 -13.77 36.96
C PRO C 191 -25.28 -13.92 38.41
N SER C 192 -25.27 -15.15 38.90
CA SER C 192 -25.73 -15.41 40.27
C SER C 192 -24.76 -14.88 41.33
N VAL C 193 -24.67 -13.55 41.46
CA VAL C 193 -23.78 -12.89 42.39
C VAL C 193 -24.51 -11.70 42.99
N SER C 194 -24.04 -11.24 44.15
CA SER C 194 -24.55 -9.99 44.70
C SER C 194 -23.42 -9.08 45.19
N SER C 195 -22.60 -9.56 46.11
CA SER C 195 -21.50 -8.75 46.64
C SER C 195 -20.37 -8.61 45.62
N GLU C 196 -19.52 -7.61 45.85
CA GLU C 196 -18.33 -7.45 45.02
C GLU C 196 -17.43 -8.68 45.10
N GLN C 197 -17.24 -9.22 46.31
CA GLN C 197 -16.47 -10.45 46.46
C GLN C 197 -17.05 -11.60 45.63
N GLU C 198 -18.36 -11.67 45.50
CA GLU C 198 -18.95 -12.75 44.70
C GLU C 198 -18.67 -12.55 43.22
N TYR C 199 -18.58 -11.30 42.76
CA TYR C 199 -18.13 -11.05 41.40
C TYR C 199 -16.70 -11.52 41.19
N VAL C 200 -15.80 -11.22 42.14
CA VAL C 200 -14.40 -11.63 42.02
C VAL C 200 -14.29 -13.12 41.77
N SER C 201 -14.91 -13.92 42.64
CA SER C 201 -14.79 -15.37 42.52
C SER C 201 -15.53 -15.89 41.29
N HIS C 202 -16.62 -15.21 40.90
CA HIS C 202 -17.25 -15.55 39.63
C HIS C 202 -16.33 -15.23 38.45
N PHE C 203 -15.75 -14.03 38.45
CA PHE C 203 -14.78 -13.67 37.43
C PHE C 203 -13.64 -14.68 37.38
N GLU C 204 -13.21 -15.19 38.54
CA GLU C 204 -12.10 -16.13 38.57
C GLU C 204 -12.51 -17.49 38.03
N ARG C 205 -13.65 -18.01 38.48
CA ARG C 205 -14.14 -19.29 37.99
C ARG C 205 -14.38 -19.26 36.48
N THR C 206 -14.97 -18.18 35.96
CA THR C 206 -15.21 -18.09 34.52
C THR C 206 -14.00 -17.57 33.74
N GLU C 207 -12.86 -17.34 34.40
CA GLU C 207 -11.62 -16.90 33.72
C GLU C 207 -11.81 -15.58 32.96
N ASN C 208 -12.54 -14.66 33.58
CA ASN C 208 -12.77 -13.32 33.02
C ASN C 208 -11.61 -12.41 33.43
N ARG C 209 -10.52 -12.45 32.64
CA ARG C 209 -9.35 -11.63 32.94
C ARG C 209 -9.70 -10.15 32.98
N VAL C 210 -10.38 -9.66 31.94
CA VAL C 210 -10.70 -8.25 31.88
C VAL C 210 -11.59 -7.86 33.04
N GLY C 211 -12.49 -8.76 33.45
CA GLY C 211 -13.29 -8.51 34.62
C GLY C 211 -12.45 -8.31 35.87
N LEU C 212 -11.53 -9.24 36.13
CA LEU C 212 -10.67 -9.12 37.31
C LEU C 212 -9.80 -7.87 37.22
N GLN C 213 -9.17 -7.63 36.06
CA GLN C 213 -8.34 -6.44 35.89
C GLN C 213 -9.12 -5.18 36.20
N THR C 214 -10.35 -5.08 35.68
CA THR C 214 -11.16 -3.90 35.87
C THR C 214 -11.55 -3.72 37.32
N LEU C 215 -12.05 -4.78 37.95
CA LEU C 215 -12.38 -4.74 39.37
C LEU C 215 -11.17 -4.31 40.20
N HIS C 216 -10.06 -5.04 40.09
CA HIS C 216 -8.77 -4.65 40.68
C HIS C 216 -8.09 -3.54 39.91
N GLY C 217 -8.85 -2.59 39.38
CA GLY C 217 -8.26 -1.43 38.75
C GLY C 217 -8.94 -0.20 39.29
N LEU C 218 -10.13 -0.41 39.85
CA LEU C 218 -10.98 0.63 40.37
C LEU C 218 -10.75 0.92 41.84
N LYS C 219 -9.78 0.26 42.47
CA LYS C 219 -9.52 0.38 43.89
C LYS C 219 -8.42 1.41 44.15
N LYS C 220 -8.22 1.70 45.44
CA LYS C 220 -7.16 2.57 45.94
C LYS C 220 -7.20 3.99 45.36
N GLU C 226 -6.79 -3.91 25.86
CA GLU C 226 -8.24 -3.83 25.75
C GLU C 226 -8.65 -2.50 25.13
N SER C 227 -7.72 -1.90 24.41
CA SER C 227 -7.98 -0.67 23.69
C SER C 227 -8.80 -0.95 22.44
N PRO C 228 -9.66 -0.01 22.03
CA PRO C 228 -10.49 -0.23 20.83
C PRO C 228 -9.65 -0.36 19.56
N TYR C 229 -10.09 -1.24 18.66
CA TYR C 229 -9.49 -1.40 17.33
C TYR C 229 -10.58 -1.34 16.26
N SER D 3 -3.05 15.25 16.76
CA SER D 3 -3.67 14.31 15.83
C SER D 3 -2.75 14.02 14.65
N ILE D 4 -2.59 12.74 14.31
CA ILE D 4 -1.67 12.34 13.26
C ILE D 4 -2.39 12.44 11.92
N GLU D 5 -1.94 13.34 11.05
CA GLU D 5 -2.68 13.52 9.81
C GLU D 5 -2.12 12.69 8.65
N ALA D 6 -0.91 12.16 8.79
CA ALA D 6 -0.30 11.37 7.73
C ALA D 6 0.78 10.50 8.36
N LEU D 7 1.09 9.38 7.69
CA LEU D 7 2.04 8.41 8.20
C LEU D 7 2.80 7.80 7.02
N MET D 8 4.12 7.68 7.17
CA MET D 8 4.97 7.22 6.07
C MET D 8 6.02 6.25 6.59
N LEU D 9 6.19 5.14 5.88
CA LEU D 9 7.29 4.22 6.10
C LEU D 9 8.52 4.73 5.36
N PHE D 10 9.68 4.76 6.02
CA PHE D 10 10.91 5.19 5.37
C PHE D 10 12.07 4.30 5.81
N GLY D 11 13.27 4.62 5.33
CA GLY D 11 14.47 3.86 5.67
C GLY D 11 14.53 2.51 4.98
N SER D 12 15.32 1.62 5.59
CA SER D 12 15.58 0.31 4.98
C SER D 12 14.29 -0.47 4.76
N ALA D 13 13.30 -0.34 5.64
CA ALA D 13 12.07 -1.11 5.44
C ALA D 13 11.31 -0.62 4.22
N ALA D 14 11.37 0.69 3.94
CA ALA D 14 10.73 1.20 2.73
C ALA D 14 11.38 0.64 1.47
N ARG D 15 12.67 0.31 1.53
CA ARG D 15 13.39 -0.31 0.43
C ARG D 15 13.27 -1.82 0.43
N GLY D 16 12.43 -2.38 1.29
CA GLY D 16 12.41 -3.82 1.46
C GLY D 16 13.73 -4.41 1.90
N GLU D 17 14.52 -3.66 2.69
CA GLU D 17 15.80 -4.15 3.18
C GLU D 17 15.68 -4.55 4.64
N SER D 18 16.32 -5.65 4.99
CA SER D 18 16.23 -6.25 6.33
C SER D 18 17.52 -5.97 7.09
N ASP D 19 18.18 -6.97 7.68
CA ASP D 19 19.42 -6.85 8.44
C ASP D 19 19.26 -5.98 9.68
N LYS D 20 20.39 -5.63 10.30
CA LYS D 20 20.41 -4.85 11.53
C LYS D 20 21.66 -3.95 11.58
N SER D 22 19.87 -1.19 11.49
CA SER D 22 18.76 -0.77 10.65
C SER D 22 17.42 -1.14 11.27
N ALA D 23 16.63 -0.12 11.58
CA ALA D 23 15.38 -0.30 12.28
C ALA D 23 14.22 -0.04 11.34
N VAL D 24 13.03 -0.43 11.78
CA VAL D 24 11.81 -0.07 11.08
C VAL D 24 11.49 1.37 11.45
N ALA D 25 11.32 2.22 10.44
CA ALA D 25 11.21 3.65 10.65
C ALA D 25 9.92 4.18 10.04
N LEU D 26 9.20 4.96 10.83
CA LEU D 26 7.92 5.51 10.44
C LEU D 26 7.94 6.98 10.79
N LEU D 27 7.39 7.80 9.89
CA LEU D 27 7.29 9.23 10.11
C LEU D 27 5.82 9.57 10.28
N ALA D 28 5.49 10.20 11.41
CA ALA D 28 4.11 10.61 11.69
C ALA D 28 4.05 12.13 11.65
N VAL D 29 3.16 12.66 10.83
CA VAL D 29 2.97 14.11 10.73
C VAL D 29 1.80 14.52 11.62
N THR D 30 2.08 15.38 12.60
CA THR D 30 1.05 15.84 13.51
C THR D 30 1.30 17.32 13.82
N SER D 31 0.22 18.09 13.90
CA SER D 31 0.35 19.54 13.93
C SER D 31 0.57 20.04 15.35
N GLY D 32 1.31 21.14 15.45
CA GLY D 32 1.53 21.83 16.71
C GLY D 32 2.66 21.30 17.56
N VAL D 33 3.04 20.05 17.37
CA VAL D 33 4.06 19.45 18.21
C VAL D 33 5.44 19.84 17.70
N ARG D 34 6.40 19.89 18.62
CA ARG D 34 7.80 20.03 18.27
C ARG D 34 8.38 18.66 17.94
N PRO D 35 9.46 18.60 17.17
CA PRO D 35 9.96 17.29 16.71
C PRO D 35 10.45 16.45 17.89
N PHE D 36 9.99 15.20 17.92
CA PHE D 36 10.46 14.23 18.91
C PHE D 36 10.35 12.84 18.30
N SER D 37 10.96 11.86 18.98
CA SER D 37 10.99 10.49 18.48
C SER D 37 10.82 9.53 19.65
N LYS D 38 10.28 8.36 19.33
CA LYS D 38 10.14 7.27 20.29
C LYS D 38 10.74 6.03 19.64
N LYS D 39 11.69 5.40 20.32
CA LYS D 39 12.46 4.32 19.74
C LYS D 39 12.40 3.09 20.64
N THR D 40 12.27 1.93 20.02
CA THR D 40 12.62 0.65 20.62
C THR D 40 13.88 0.14 19.92
N GLU D 41 14.30 -1.07 20.29
CA GLU D 41 15.49 -1.64 19.67
C GLU D 41 15.32 -1.78 18.16
N GLN D 42 14.09 -1.96 17.69
CA GLN D 42 13.87 -2.28 16.29
C GLN D 42 12.89 -1.35 15.57
N THR D 43 12.31 -0.37 16.25
CA THR D 43 11.44 0.62 15.62
C THR D 43 11.92 2.02 15.93
N GLU D 44 11.64 2.95 15.02
CA GLU D 44 11.83 4.36 15.26
C GLU D 44 10.58 5.07 14.76
N LEU D 45 9.96 5.84 15.64
CA LEU D 45 8.73 6.53 15.32
C LEU D 45 9.03 8.02 15.44
N GLN D 46 9.12 8.70 14.29
CA GLN D 46 9.51 10.10 14.25
C GLN D 46 8.27 10.96 14.05
N PHE D 47 8.22 12.06 14.79
CA PHE D 47 7.09 13.00 14.73
C PHE D 47 7.61 14.36 14.27
N LEU D 48 6.96 14.92 13.26
CA LEU D 48 7.21 16.27 12.77
C LEU D 48 5.88 16.95 12.53
N ASN D 49 5.88 18.30 12.63
CA ASN D 49 4.67 18.97 12.18
C ASN D 49 4.78 19.34 10.70
N PRO D 50 3.66 19.66 10.05
CA PRO D 50 3.71 19.96 8.60
C PRO D 50 4.71 21.05 8.22
N GLU D 51 4.83 22.11 9.02
CA GLU D 51 5.70 23.22 8.68
C GLU D 51 7.16 22.78 8.60
N GLU D 52 7.59 21.93 9.54
CA GLU D 52 8.97 21.45 9.54
C GLU D 52 9.22 20.48 8.40
N LEU D 53 8.24 19.63 8.08
CA LEU D 53 8.38 18.74 6.94
C LEU D 53 8.54 19.55 5.65
N LEU D 54 7.65 20.52 5.42
CA LEU D 54 7.74 21.35 4.22
C LEU D 54 9.04 22.12 4.18
N ARG D 55 9.50 22.58 5.34
CA ARG D 55 10.77 23.33 5.40
C ARG D 55 11.95 22.44 5.00
N SER D 56 11.94 21.17 5.39
CA SER D 56 13.08 20.33 5.02
C SER D 56 13.11 20.11 3.50
N ALA D 57 11.94 20.05 2.86
CA ALA D 57 11.88 19.96 1.40
C ALA D 57 12.41 21.23 0.74
N SER D 58 11.99 22.41 1.22
CA SER D 58 12.49 23.66 0.65
C SER D 58 13.99 23.77 0.84
N ASP D 59 14.51 23.24 1.94
CA ASP D 59 15.93 23.28 2.21
C ASP D 59 16.69 22.21 1.43
N GLY D 60 16.00 21.33 0.73
CA GLY D 60 16.65 20.24 0.04
C GLY D 60 17.40 19.26 0.92
N ASP D 61 17.00 19.10 2.19
CA ASP D 61 17.67 18.15 3.06
C ASP D 61 17.70 16.76 2.45
N LEU D 62 18.82 16.04 2.66
CA LEU D 62 18.93 14.67 2.15
C LEU D 62 17.81 13.78 2.68
N PHE D 63 17.42 13.98 3.94
CA PHE D 63 16.31 13.23 4.52
C PHE D 63 15.03 13.47 3.74
N ALA D 64 14.76 14.72 3.37
CA ALA D 64 13.56 15.01 2.59
C ALA D 64 13.63 14.37 1.20
N ILE D 65 14.81 14.36 0.58
CA ILE D 65 14.97 13.69 -0.69
C ILE D 65 14.63 12.21 -0.55
N HIS D 66 15.14 11.56 0.50
CA HIS D 66 14.83 10.14 0.72
C HIS D 66 13.33 9.89 0.89
N LEU D 67 12.65 10.71 1.70
CA LEU D 67 11.21 10.56 1.88
C LEU D 67 10.46 10.66 0.55
N ALA D 68 10.84 11.64 -0.27
CA ALA D 68 10.13 11.84 -1.53
C ALA D 68 10.38 10.72 -2.53
N PHE D 69 11.59 10.16 -2.52
CA PHE D 69 12.06 9.20 -3.52
C PHE D 69 11.72 7.76 -3.17
N GLU D 70 11.69 7.43 -1.87
CA GLU D 70 11.59 6.06 -1.38
C GLU D 70 10.54 5.86 -0.30
N GLY D 71 10.00 6.92 0.31
CA GLY D 71 9.02 6.75 1.35
C GLY D 71 7.72 6.17 0.83
N LYS D 72 7.10 5.28 1.63
CA LYS D 72 5.84 4.64 1.28
C LYS D 72 4.75 5.28 2.12
N ILE D 73 3.83 5.99 1.47
CA ILE D 73 2.78 6.66 2.22
C ILE D 73 1.81 5.62 2.74
N ILE D 74 1.61 5.58 4.05
CA ILE D 74 0.64 4.66 4.64
C ILE D 74 -0.76 5.25 4.66
N PHE D 75 -0.90 6.50 5.08
CA PHE D 75 -2.12 7.26 4.88
C PHE D 75 -1.76 8.74 4.89
N ASP D 76 -2.66 9.56 4.36
CA ASP D 76 -2.43 11.01 4.28
C ASP D 76 -3.81 11.64 4.12
N THR D 77 -4.36 12.14 5.23
CA THR D 77 -5.72 12.70 5.26
C THR D 77 -5.77 14.15 4.84
N THR D 78 -4.63 14.84 4.75
CA THR D 78 -4.62 16.27 4.49
C THR D 78 -3.91 16.65 3.20
N GLY D 79 -3.29 15.71 2.50
CA GLY D 79 -2.48 16.02 1.34
C GLY D 79 -1.12 16.60 1.65
N VAL D 80 -0.66 16.49 2.91
CA VAL D 80 0.59 17.14 3.30
C VAL D 80 1.79 16.52 2.57
N PHE D 81 1.72 15.25 2.19
CA PHE D 81 2.85 14.67 1.46
C PHE D 81 2.89 15.20 0.03
N THR D 82 1.75 15.60 -0.53
CA THR D 82 1.75 16.28 -1.82
C THR D 82 2.41 17.66 -1.72
N ARG D 83 1.99 18.46 -0.76
CA ARG D 83 2.60 19.77 -0.58
C ARG D 83 4.07 19.65 -0.24
N PHE D 84 4.44 18.59 0.48
CA PHE D 84 5.84 18.34 0.75
C PHE D 84 6.63 18.16 -0.55
N LYS D 85 6.12 17.32 -1.46
CA LYS D 85 6.88 17.05 -2.68
C LYS D 85 6.91 18.26 -3.61
N GLU D 86 5.83 19.05 -3.62
CA GLU D 86 5.85 20.29 -4.37
C GLU D 86 6.83 21.31 -3.81
N ARG D 87 7.19 21.23 -2.52
CA ARG D 87 8.15 22.17 -1.97
C ARG D 87 9.60 21.74 -2.17
N LEU D 88 9.85 20.47 -2.50
CA LEU D 88 11.21 19.98 -2.61
C LEU D 88 11.98 20.76 -3.65
N VAL D 89 13.17 21.23 -3.27
CA VAL D 89 14.15 21.78 -4.20
C VAL D 89 15.43 20.99 -3.98
N ILE D 90 15.82 20.19 -4.96
CA ILE D 90 17.06 19.42 -4.86
C ILE D 90 18.23 20.33 -5.21
N ARG D 91 19.20 20.44 -4.31
CA ARG D 91 20.25 21.42 -4.51
C ARG D 91 21.34 20.90 -5.46
N LYS D 92 22.06 21.84 -6.06
CA LYS D 92 23.23 21.50 -6.86
C LYS D 92 24.46 21.33 -5.99
N ASP D 93 24.49 22.01 -4.85
CA ASP D 93 25.66 22.09 -3.99
C ASP D 93 25.26 21.54 -2.63
N TYR D 94 25.85 20.41 -2.25
CA TYR D 94 25.68 19.84 -0.92
C TYR D 94 26.97 19.95 -0.11
N GLY D 95 27.78 20.99 -0.39
CA GLY D 95 29.03 21.18 0.32
C GLY D 95 28.85 21.30 1.83
N ARG D 96 27.76 21.95 2.27
CA ARG D 96 27.51 22.10 3.70
C ARG D 96 27.39 20.74 4.39
N GLU D 97 26.56 19.87 3.83
CA GLU D 97 26.34 18.53 4.37
C GLU D 97 27.59 17.67 4.27
N ILE D 98 28.34 17.80 3.16
CA ILE D 98 29.60 17.07 3.04
C ILE D 98 30.59 17.52 4.10
N LYS D 99 30.64 18.82 4.37
CA LYS D 99 31.57 19.31 5.38
C LYS D 99 31.16 18.85 6.78
N TRP D 100 29.84 18.80 7.04
CA TRP D 100 29.37 18.27 8.32
C TRP D 100 29.83 16.83 8.54
N GLY D 101 29.72 16.00 7.50
CA GLY D 101 30.13 14.61 7.64
C GLY D 101 31.62 14.45 7.78
N ASN D 102 32.39 15.17 6.96
CA ASN D 102 33.84 15.16 7.10
C ASN D 102 34.27 15.58 8.50
N ASP D 103 33.76 16.72 8.98
CA ASP D 103 34.21 17.28 10.25
C ASP D 103 33.91 16.34 11.41
N LEU D 104 32.71 15.76 11.44
CA LEU D 104 32.39 14.79 12.49
C LEU D 104 33.24 13.53 12.36
N ALA D 105 33.55 13.12 11.14
CA ALA D 105 34.45 11.97 10.98
C ALA D 105 35.80 12.24 11.60
N TRP D 106 36.35 13.46 11.43
CA TRP D 106 37.64 13.77 12.06
C TRP D 106 37.52 13.80 13.59
N TYR D 107 36.40 14.34 14.11
CA TYR D 107 36.20 14.31 15.56
C TYR D 107 36.22 12.87 16.08
N LEU D 108 35.47 11.99 15.41
CA LEU D 108 35.38 10.60 15.86
C LEU D 108 36.74 9.92 15.75
N LEU D 109 37.46 10.16 14.65
CA LEU D 109 38.81 9.61 14.50
C LEU D 109 39.73 10.07 15.63
N ASP D 110 39.72 11.36 15.92
CA ASP D 110 40.74 11.89 16.81
C ASP D 110 40.36 11.84 18.27
N PHE D 111 39.07 11.80 18.59
CA PHE D 111 38.62 11.83 19.97
C PHE D 111 37.61 10.75 20.31
N GLY D 112 36.83 10.29 19.34
CA GLY D 112 35.75 9.37 19.62
C GLY D 112 36.07 7.88 19.62
N MET D 113 37.10 7.45 18.90
CA MET D 113 37.41 6.03 18.80
C MET D 113 37.65 5.38 20.16
N ASN D 114 37.91 6.17 21.19
CA ASN D 114 38.18 5.65 22.52
C ASN D 114 36.96 5.68 23.43
N ALA D 115 35.83 6.15 22.93
CA ALA D 115 34.61 6.12 23.72
C ALA D 115 34.25 4.69 24.10
N GLU D 116 33.66 4.54 25.30
CA GLU D 116 33.21 3.22 25.73
C GLU D 116 32.05 2.72 24.87
N ASN D 117 31.20 3.62 24.38
CA ASN D 117 30.01 3.26 23.59
C ASN D 117 30.41 3.03 22.13
N THR D 118 31.10 1.90 21.90
CA THR D 118 31.61 1.55 20.57
C THR D 118 30.47 1.39 19.57
N THR D 119 29.34 0.86 20.02
CA THR D 119 28.19 0.71 19.14
C THR D 119 27.74 2.07 18.62
N LEU D 120 27.70 3.07 19.50
CA LEU D 120 27.29 4.39 19.06
C LEU D 120 28.33 5.01 18.14
N VAL D 121 29.61 4.77 18.41
CA VAL D 121 30.67 5.32 17.58
C VAL D 121 30.58 4.77 16.15
N ASN D 122 30.39 3.46 16.02
CA ASN D 122 30.31 2.86 14.68
C ASN D 122 29.09 3.35 13.93
N LYS D 123 27.99 3.57 14.63
CA LYS D 123 26.79 4.11 14.01
C LYS D 123 27.03 5.54 13.51
N ARG D 124 27.73 6.35 14.32
CA ARG D 124 28.02 7.72 13.91
C ARG D 124 29.03 7.78 12.78
N ILE D 125 30.03 6.90 12.79
CA ILE D 125 30.95 6.80 11.65
C ILE D 125 30.18 6.47 10.38
N ALA D 126 29.30 5.47 10.47
CA ALA D 126 28.51 5.08 9.30
C ALA D 126 27.66 6.24 8.81
N TRP D 127 27.10 7.02 9.74
CA TRP D 127 26.36 8.23 9.33
C TRP D 127 27.27 9.20 8.56
N CYS D 128 28.50 9.42 9.02
CA CYS D 128 29.40 10.35 8.31
C CYS D 128 29.65 9.87 6.90
N VAL D 129 30.00 8.58 6.75
CA VAL D 129 30.33 8.03 5.44
C VAL D 129 29.12 8.04 4.52
N ARG D 130 27.95 7.64 5.03
CA ARG D 130 26.74 7.66 4.19
C ARG D 130 26.41 9.08 3.77
N THR D 131 26.46 10.02 4.71
CA THR D 131 26.12 11.39 4.37
C THR D 131 27.02 11.93 3.27
N ILE D 132 28.32 11.67 3.36
CA ILE D 132 29.24 12.16 2.35
C ILE D 132 28.94 11.53 1.01
N ALA D 133 28.72 10.21 1.00
CA ALA D 133 28.49 9.50 -0.25
C ALA D 133 27.17 9.95 -0.89
N ILE D 134 26.10 9.99 -0.09
CA ILE D 134 24.78 10.36 -0.60
C ILE D 134 24.84 11.76 -1.18
N ALA D 135 25.45 12.70 -0.46
CA ALA D 135 25.50 14.09 -0.91
C ALA D 135 26.29 14.22 -2.21
N ARG D 136 27.43 13.53 -2.31
CA ARG D 136 28.18 13.57 -3.55
C ARG D 136 27.39 12.96 -4.69
N LEU D 137 26.63 11.89 -4.41
CA LEU D 137 25.86 11.29 -5.50
C LEU D 137 24.73 12.21 -5.93
N VAL D 138 24.03 12.84 -4.97
CA VAL D 138 22.98 13.79 -5.33
C VAL D 138 23.53 14.91 -6.21
N GLU D 139 24.73 15.41 -5.90
CA GLU D 139 25.31 16.45 -6.74
C GLU D 139 25.47 16.00 -8.19
N SER D 140 25.64 14.69 -8.40
CA SER D 140 25.78 14.15 -9.76
C SER D 140 24.45 13.70 -10.35
N GLY D 141 23.34 14.00 -9.69
CA GLY D 141 22.03 13.67 -10.21
C GLY D 141 21.51 12.31 -9.83
N LYS D 142 22.24 11.57 -9.00
CA LYS D 142 21.86 10.23 -8.56
C LYS D 142 21.22 10.30 -7.19
N ILE D 143 20.14 9.55 -7.00
CA ILE D 143 19.44 9.51 -5.72
C ILE D 143 19.62 8.13 -5.09
N ILE D 144 20.69 7.93 -4.34
CA ILE D 144 21.03 6.63 -3.76
C ILE D 144 21.04 6.78 -2.24
N PHE D 145 20.26 5.95 -1.55
CA PHE D 145 20.31 5.92 -0.10
C PHE D 145 20.64 4.55 0.47
N SER D 146 20.43 3.49 -0.27
CA SER D 146 20.71 2.14 0.23
C SER D 146 22.20 1.97 0.48
N PRO D 147 22.61 1.51 1.68
CA PRO D 147 24.05 1.30 1.94
C PRO D 147 24.73 0.36 0.95
N ARG D 148 24.04 -0.72 0.55
CA ARG D 148 24.55 -1.61 -0.48
C ARG D 148 24.90 -0.84 -1.75
N ALA D 149 24.04 0.08 -2.17
CA ALA D 149 24.31 0.77 -3.42
C ALA D 149 25.31 1.89 -3.25
N LEU D 150 25.31 2.56 -2.08
CA LEU D 150 26.30 3.61 -1.81
C LEU D 150 27.72 3.07 -1.91
N ALA D 151 27.94 1.83 -1.46
CA ALA D 151 29.28 1.25 -1.51
C ALA D 151 29.73 1.05 -2.96
N LYS D 152 28.80 0.68 -3.84
CA LYS D 152 29.14 0.50 -5.25
C LYS D 152 29.31 1.83 -5.97
N GLU D 153 28.43 2.79 -5.72
CA GLU D 153 28.42 4.03 -6.49
C GLU D 153 29.44 5.05 -5.98
N PHE D 154 29.92 4.90 -4.75
CA PHE D 154 30.90 5.80 -4.16
C PHE D 154 32.02 4.95 -3.59
N PRO D 155 32.81 4.30 -4.46
CA PRO D 155 33.77 3.29 -3.99
C PRO D 155 35.07 3.89 -3.48
N ARG D 156 34.98 4.65 -2.39
CA ARG D 156 36.17 5.13 -1.75
C ARG D 156 36.69 4.10 -0.76
N LYS D 157 37.93 4.31 -0.30
CA LYS D 157 38.60 3.34 0.56
C LYS D 157 37.75 3.00 1.78
N HIS D 158 37.46 1.71 1.96
CA HIS D 158 36.85 1.18 3.18
C HIS D 158 35.37 1.52 3.33
N VAL D 159 34.70 2.00 2.27
CA VAL D 159 33.33 2.49 2.43
C VAL D 159 32.41 1.37 2.91
N SER D 160 32.49 0.20 2.30
CA SER D 160 31.55 -0.86 2.67
C SER D 160 31.80 -1.34 4.09
N ASP D 161 33.06 -1.35 4.53
CA ASP D 161 33.37 -1.65 5.92
C ASP D 161 32.77 -0.61 6.86
N LEU D 162 32.87 0.67 6.50
CA LEU D 162 32.53 1.74 7.43
C LEU D 162 31.03 2.00 7.55
N ILE D 163 30.23 1.56 6.58
CA ILE D 163 28.80 1.74 6.69
C ILE D 163 28.10 0.45 7.13
N GLY D 164 28.86 -0.50 7.69
CA GLY D 164 28.28 -1.61 8.42
C GLY D 164 28.01 -2.85 7.62
N LEU D 165 28.71 -3.04 6.50
CA LEU D 165 28.46 -4.17 5.61
C LEU D 165 29.46 -5.32 5.79
N ARG D 166 30.24 -5.32 6.89
CA ARG D 166 31.21 -6.39 7.13
C ARG D 166 31.12 -6.93 8.55
N SER D 168 30.59 -6.76 12.11
CA SER D 168 31.86 -6.05 12.25
C SER D 168 32.24 -5.84 13.71
N ASP D 169 33.06 -6.75 14.25
CA ASP D 169 33.52 -6.72 15.64
C ASP D 169 35.01 -6.38 15.74
N GLU D 170 35.51 -5.61 14.78
CA GLU D 170 36.92 -5.25 14.73
C GLU D 170 37.29 -4.32 15.88
N ASP D 171 38.54 -4.43 16.34
CA ASP D 171 39.03 -3.64 17.46
C ASP D 171 39.13 -2.16 17.09
N SER D 172 39.58 -1.36 18.07
CA SER D 172 39.57 0.10 17.92
C SER D 172 40.64 0.58 16.94
N GLN D 173 41.84 0.03 17.01
CA GLN D 173 42.89 0.50 16.09
C GLN D 173 42.58 0.12 14.65
N THR D 174 41.93 -1.03 14.42
CA THR D 174 41.58 -1.41 13.07
C THR D 174 40.51 -0.49 12.48
N ARG D 175 39.40 -0.29 13.22
CA ARG D 175 38.37 0.64 12.76
C ARG D 175 38.98 2.03 12.54
N LYS D 176 39.91 2.44 13.41
CA LYS D 176 40.54 3.74 13.26
C LYS D 176 41.34 3.83 11.96
N ARG D 177 42.17 2.82 11.67
CA ARG D 177 42.93 2.84 10.42
C ARG D 177 42.01 2.91 9.20
N ARG D 178 40.86 2.23 9.26
CA ARG D 178 39.92 2.27 8.14
C ARG D 178 39.40 3.68 7.95
N LEU D 179 39.00 4.34 9.04
CA LEU D 179 38.42 5.66 8.90
C LEU D 179 39.45 6.65 8.36
N ALA D 180 40.67 6.58 8.87
CA ALA D 180 41.75 7.43 8.37
C ALA D 180 41.99 7.18 6.89
N GLY D 181 41.97 5.92 6.46
CA GLY D 181 42.13 5.62 5.04
C GLY D 181 41.03 6.23 4.20
N PHE D 182 39.79 6.19 4.71
CA PHE D 182 38.66 6.76 3.98
C PHE D 182 38.83 8.26 3.79
N LEU D 183 39.11 8.96 4.89
CA LEU D 183 39.28 10.41 4.86
C LEU D 183 40.43 10.81 3.94
N ASP D 184 41.58 10.14 4.02
CA ASP D 184 42.68 10.42 3.11
C ASP D 184 42.26 10.20 1.66
N SER D 185 41.45 9.15 1.40
CA SER D 185 41.13 8.82 0.02
C SER D 185 40.19 9.84 -0.61
N ILE D 186 39.44 10.60 0.19
CA ILE D 186 38.61 11.67 -0.35
C ILE D 186 39.27 13.03 -0.16
N ASP D 187 40.58 13.05 0.12
CA ASP D 187 41.33 14.29 0.28
C ASP D 187 40.67 15.22 1.31
N SER D 188 40.14 14.63 2.38
CA SER D 188 39.56 15.42 3.47
C SER D 188 40.66 16.09 4.29
N SER D 189 40.33 17.28 4.82
CA SER D 189 41.23 18.05 5.68
C SER D 189 40.65 18.21 7.09
N ARG D 190 41.45 17.88 8.12
CA ARG D 190 41.07 18.14 9.50
C ARG D 190 40.67 19.60 9.68
N PRO D 191 39.59 19.90 10.39
CA PRO D 191 39.38 21.28 10.84
C PRO D 191 40.52 21.72 11.76
N SER D 192 40.70 23.03 11.83
CA SER D 192 41.82 23.59 12.58
C SER D 192 41.42 23.67 14.06
N VAL D 193 41.29 22.49 14.67
CA VAL D 193 40.89 22.34 16.07
C VAL D 193 41.86 21.37 16.72
N SER D 194 42.03 21.53 18.03
CA SER D 194 43.00 20.69 18.72
C SER D 194 42.47 20.21 20.07
N SER D 195 41.17 20.23 20.29
CA SER D 195 40.62 19.83 21.59
C SER D 195 39.13 19.59 21.44
N GLU D 196 38.57 18.84 22.39
CA GLU D 196 37.13 18.64 22.41
C GLU D 196 36.38 19.98 22.45
N GLN D 197 36.74 20.87 23.37
CA GLN D 197 36.02 22.14 23.44
C GLN D 197 36.13 22.92 22.14
N GLU D 198 37.30 22.85 21.46
CA GLU D 198 37.40 23.52 20.17
C GLU D 198 36.50 22.85 19.12
N TYR D 199 36.29 21.53 19.22
CA TYR D 199 35.32 20.86 18.36
C TYR D 199 33.89 21.34 18.63
N VAL D 200 33.56 21.56 19.91
CA VAL D 200 32.23 22.06 20.28
C VAL D 200 31.97 23.39 19.60
N SER D 201 32.87 24.36 19.78
CA SER D 201 32.69 25.67 19.18
C SER D 201 32.72 25.60 17.66
N HIS D 202 33.54 24.71 17.08
CA HIS D 202 33.52 24.50 15.62
C HIS D 202 32.17 23.95 15.15
N PHE D 203 31.66 22.91 15.81
CA PHE D 203 30.33 22.40 15.46
C PHE D 203 29.26 23.47 15.63
N GLU D 204 29.36 24.29 16.68
CA GLU D 204 28.37 25.35 16.85
C GLU D 204 28.46 26.36 15.71
N ARG D 205 29.67 26.84 15.39
CA ARG D 205 29.78 27.87 14.37
C ARG D 205 29.40 27.35 12.99
N THR D 206 29.65 26.08 12.70
CA THR D 206 29.24 25.50 11.43
C THR D 206 27.82 24.93 11.47
N GLU D 207 27.15 25.04 12.61
CA GLU D 207 25.78 24.56 12.77
C GLU D 207 25.68 23.07 12.45
N ASN D 208 26.69 22.32 12.87
CA ASN D 208 26.75 20.87 12.71
C ASN D 208 25.97 20.23 13.85
N ARG D 209 24.66 20.07 13.65
CA ARG D 209 23.77 19.62 14.72
C ARG D 209 24.06 18.18 15.10
N VAL D 210 24.23 17.31 14.11
CA VAL D 210 24.57 15.92 14.39
C VAL D 210 25.95 15.82 15.04
N GLY D 211 26.89 16.68 14.61
CA GLY D 211 28.20 16.72 15.27
C GLY D 211 28.11 17.01 16.75
N LEU D 212 27.32 18.01 17.14
CA LEU D 212 27.19 18.40 18.54
C LEU D 212 26.47 17.34 19.37
N GLN D 213 25.44 16.70 18.80
CA GLN D 213 24.74 15.65 19.54
C GLN D 213 25.65 14.45 19.73
N THR D 214 26.48 14.14 18.72
CA THR D 214 27.40 13.01 18.81
C THR D 214 28.45 13.26 19.88
N LEU D 215 29.11 14.42 19.84
CA LEU D 215 30.14 14.74 20.82
C LEU D 215 29.57 14.71 22.24
N HIS D 216 28.40 15.31 22.44
CA HIS D 216 27.82 15.37 23.78
C HIS D 216 27.38 13.99 24.25
N GLY D 217 26.89 13.15 23.35
CA GLY D 217 26.51 11.80 23.72
C GLY D 217 27.68 10.85 23.91
N LEU D 218 28.88 11.24 23.49
CA LEU D 218 30.07 10.43 23.66
C LEU D 218 30.91 10.85 24.86
N LYS D 219 31.20 12.15 24.99
CA LYS D 219 32.09 12.66 26.04
C LYS D 219 31.67 12.26 27.46
N PRO D 228 18.34 6.62 11.65
CA PRO D 228 18.90 6.54 10.30
C PRO D 228 17.83 6.25 9.22
N TYR D 229 18.19 6.45 7.95
CA TYR D 229 17.26 6.24 6.82
C TYR D 229 18.00 5.72 5.60
P PO4 E . 11.70 30.00 -19.60
O1 PO4 E . 11.45 28.70 -20.34
O2 PO4 E . 12.03 29.71 -18.16
O3 PO4 E . 12.83 30.72 -20.30
O4 PO4 E . 10.48 30.89 -19.63
P PO4 F . -16.87 -33.32 1.25
O1 PO4 F . -18.07 -34.18 1.62
O2 PO4 F . -16.36 -32.49 2.42
O3 PO4 F . -15.75 -34.26 0.82
O4 PO4 F . -17.29 -32.38 0.13
P PO4 G . -28.69 -10.05 21.45
O1 PO4 G . -29.54 -11.17 22.03
O2 PO4 G . -27.35 -10.08 22.12
O3 PO4 G . -28.57 -10.28 19.96
O4 PO4 G . -29.32 -8.69 21.66
P PO4 H . 35.02 13.11 -3.09
O1 PO4 H . 35.68 11.74 -3.02
O2 PO4 H . 36.13 14.14 -3.29
O3 PO4 H . 34.07 13.10 -4.26
O4 PO4 H . 34.30 13.45 -1.80
#